data_8ZBR
#
_entry.id   8ZBR
#
_cell.length_a   1.00
_cell.length_b   1.00
_cell.length_c   1.00
_cell.angle_alpha   90.00
_cell.angle_beta   90.00
_cell.angle_gamma   90.00
#
_symmetry.space_group_name_H-M   'P 1'
#
loop_
_entity.id
_entity.type
_entity.pdbx_description
1 polymer 'ATP-binding cassette sub-family C member 4'
2 non-polymer CHOLESTEROL
3 non-polymer 'CHOLESTEROL HEMISUCCINATE'
#
_entity_poly.entity_id   1
_entity_poly.type   'polypeptide(L)'
_entity_poly.pdbx_seq_one_letter_code
;MHHHHHHHHHHMLPVYQEVKPNPLQDANLCSRVFFWWLNPLFKIGHKRRLEEDDMYSVLPEDRSQHLGEELQGFWDKEVL
RAENDAQKPSLTRAIIKCYWKSYLVLGIFTLIEESAKVIQPIFLGKIINYFENYDPMDSVALNTAYAYATVLTFCTLILA
ILHHLYFYHVQCAGMRLRVAMCHMIYRKALRLSNMAMGKTTTGQIVNLLSNDVNKFDQVTVFLHFLWAGPLQAIAVTALL
WMEIGISCLAGMAVLIILLPLQSCFGKLFSSLRSKTATFTDARIRTMNEVITGIRIIKMYAWEKSFSNLITNLRKKEISK
ILRSSCLRGMNLASFFSASKIIVFVTFTTYVLLGSVITASRVFVAVTLYGAVRLTVTLFFPSAIERVSEAIVSIRRIQTF
LLLDEISQRNRQLPSDGKKMVHVQDFTAFWDKASETPTLQGLSFTVRPGELLAVVGPVGAGKSSLLSAVLGELAPSHGLV
SVHGRIAYVSQQPWVFSGTLRSNILFGKKYEKERYEKVIKACALKKDLQLLEDGDLTVIGDRGTTLSGGQKARVNLARAV
YQDADIYLLDDPLSAVDAEVSRHLFELCICQILHEKITILVTHQLQYLKAASQILILKDGKMVQKGTYTEFLKSGIDFGS
LLKKDNEESEQPPVPGTPTLRNRTFSESSVWSQQSSRPSLKDGALESQDTENVPVTLSEENRSEGKVGFQAYKNYFRAGA
HWIVFIFLILLNTAAQVAYVLQDWWLSYWANKQSMLNVTVNGGGNVTEKLDLNWYLGIYSGLTVATVLFGIARSLLVFYV
LVNSSQTLHNKMFESILKAPVLFFDRNPIGRILNRFSKDIGHLDDLLPLTFLDFIQTLLQVVGVVSVAVAVIPWIAIPLV
PLGIIFIFLRRYFLETSRDVKRLESTTRSPVFSHLSSSLQGLWTIRAYKAEERCQELFDAHQDLHSEAWFLFLTTSRWFA
VRLDAICAMFVIIVAFGSLILAKTLDAGQVGLALSYALTLMGMFQWCVRQSAEVENMMISVERVIEYTDLEKEAPWEYQK
RPPPAWPHEGVIIFDNVNFMYSPGGPLVLKHLTALIKSQEKVGIVGRTGAGKSSLISALFRLSEPEGKIWIDKILTTEIG
LHDLRKKMSIIPQEPVLFTGTMRKNLDPFNEHTDEELWNALQEVQLKETIEDLPGKMDTELAESGSNFSVGQRQLVCLAR
AILRKNQILIIDEATANVDPRTDELIQKKIREKFAHCTVLTIAHRLNTIIDSDKIMVLDSGRLKEYDEPYVLLQNKESLF
YKMVQQLGKAEAAALTETAKQVYFKRNYPHIGHTDHMVTNTSNGQPSTLTIFETALDYKDDDDK
;
_entity_poly.pdbx_strand_id   A
#
loop_
_chem_comp.id
_chem_comp.type
_chem_comp.name
_chem_comp.formula
CLR non-polymer CHOLESTEROL 'C27 H46 O'
Y01 non-polymer 'CHOLESTEROL HEMISUCCINATE' 'C31 H50 O4'
#
# COMPACT_ATOMS: atom_id res chain seq x y z
N LYS A 20 -5.94 -17.55 27.94
CA LYS A 20 -5.15 -18.18 26.89
C LYS A 20 -3.72 -18.40 27.36
N PRO A 21 -3.49 -19.52 28.06
CA PRO A 21 -2.15 -19.77 28.62
C PRO A 21 -1.10 -19.90 27.54
N ASN A 22 0.13 -19.48 27.88
CA ASN A 22 1.24 -19.51 26.94
C ASN A 22 2.12 -20.71 27.25
N PRO A 23 2.14 -21.74 26.40
CA PRO A 23 2.94 -22.94 26.70
C PRO A 23 4.43 -22.66 26.84
N LEU A 24 4.92 -21.57 26.23
CA LEU A 24 6.32 -21.20 26.40
C LEU A 24 6.69 -20.96 27.85
N GLN A 25 5.70 -20.63 28.70
CA GLN A 25 6.00 -20.45 30.11
C GLN A 25 6.32 -21.76 30.81
N ASP A 26 5.90 -22.90 30.26
CA ASP A 26 6.10 -24.19 30.91
C ASP A 26 6.93 -25.14 30.06
N ALA A 27 7.87 -24.63 29.29
CA ALA A 27 8.70 -25.44 28.42
C ALA A 27 10.11 -25.58 29.00
N ASN A 28 10.68 -26.77 28.82
CA ASN A 28 12.05 -27.03 29.25
C ASN A 28 13.03 -26.36 28.29
N LEU A 29 14.32 -26.55 28.56
CA LEU A 29 15.33 -26.01 27.65
C LEU A 29 15.39 -26.80 26.35
N CYS A 30 15.27 -28.12 26.43
CA CYS A 30 15.25 -28.94 25.22
C CYS A 30 14.04 -28.61 24.37
N SER A 31 12.87 -28.42 24.99
CA SER A 31 11.67 -28.06 24.25
C SER A 31 11.70 -26.63 23.74
N ARG A 32 12.53 -25.76 24.32
CA ARG A 32 12.64 -24.39 23.86
C ARG A 32 13.66 -24.21 22.75
N VAL A 33 14.72 -25.02 22.74
CA VAL A 33 15.71 -24.93 21.67
C VAL A 33 15.11 -25.33 20.33
N PHE A 34 14.31 -26.40 20.32
CA PHE A 34 13.71 -26.92 19.10
C PHE A 34 12.31 -26.37 18.84
N PHE A 35 11.82 -25.47 19.70
CA PHE A 35 10.48 -24.90 19.58
C PHE A 35 9.41 -25.99 19.52
N TRP A 36 9.55 -26.99 20.40
CA TRP A 36 8.63 -28.12 20.45
C TRP A 36 7.29 -27.78 21.08
N TRP A 37 7.14 -26.59 21.67
CA TRP A 37 5.88 -26.18 22.29
C TRP A 37 4.90 -25.60 21.30
N LEU A 38 5.28 -25.43 20.04
CA LEU A 38 4.46 -24.78 19.03
C LEU A 38 3.72 -25.77 18.14
N ASN A 39 3.88 -27.07 18.36
CA ASN A 39 3.30 -28.11 17.52
C ASN A 39 1.78 -28.12 17.51
N PRO A 40 1.09 -27.98 18.65
CA PRO A 40 -0.38 -27.94 18.61
C PRO A 40 -0.93 -26.82 17.76
N LEU A 41 -0.29 -25.65 17.76
CA LEU A 41 -0.74 -24.54 16.93
C LEU A 41 -0.65 -24.90 15.45
N PHE A 42 0.45 -25.55 15.05
CA PHE A 42 0.60 -25.95 13.65
C PHE A 42 -0.41 -27.04 13.28
N LYS A 43 -0.70 -27.96 14.20
CA LYS A 43 -1.73 -28.97 13.94
C LYS A 43 -3.09 -28.32 13.73
N ILE A 44 -3.45 -27.37 14.60
CA ILE A 44 -4.75 -26.71 14.50
C ILE A 44 -4.81 -25.89 13.21
N GLY A 45 -3.73 -25.19 12.86
CA GLY A 45 -3.70 -24.43 11.63
C GLY A 45 -3.76 -25.29 10.39
N HIS A 46 -3.18 -26.49 10.44
CA HIS A 46 -3.29 -27.43 9.33
C HIS A 46 -4.73 -27.92 9.18
N LYS A 47 -5.40 -28.19 10.30
CA LYS A 47 -6.78 -28.67 10.23
C LYS A 47 -7.74 -27.58 9.74
N ARG A 48 -7.61 -26.37 10.30
CA ARG A 48 -8.55 -25.29 9.98
C ARG A 48 -7.89 -23.93 10.00
N ARG A 49 -8.69 -22.87 9.94
CA ARG A 49 -8.18 -21.50 9.95
C ARG A 49 -7.96 -21.02 11.38
N LEU A 50 -7.10 -20.02 11.52
CA LEU A 50 -6.71 -19.45 12.80
C LEU A 50 -7.36 -18.09 12.99
N GLU A 51 -7.87 -17.84 14.21
CA GLU A 51 -8.48 -16.58 14.57
C GLU A 51 -7.81 -16.05 15.84
N GLU A 52 -8.30 -14.89 16.30
CA GLU A 52 -7.72 -14.24 17.47
C GLU A 52 -7.86 -15.09 18.72
N ASP A 53 -8.78 -16.06 18.73
CA ASP A 53 -8.94 -16.95 19.88
C ASP A 53 -7.92 -18.07 19.91
N ASP A 54 -7.13 -18.24 18.84
CA ASP A 54 -6.13 -19.29 18.78
C ASP A 54 -4.73 -18.80 19.14
N MET A 55 -4.58 -17.52 19.50
CA MET A 55 -3.27 -16.99 19.85
C MET A 55 -2.98 -17.17 21.34
N TYR A 56 -1.70 -17.06 21.68
CA TYR A 56 -1.22 -17.28 23.04
C TYR A 56 -0.96 -15.94 23.71
N SER A 57 -1.48 -15.77 24.92
CA SER A 57 -1.32 -14.51 25.64
C SER A 57 0.16 -14.25 25.92
N VAL A 58 0.54 -12.98 25.88
CA VAL A 58 1.95 -12.61 26.01
C VAL A 58 2.44 -12.89 27.42
N LEU A 59 3.75 -13.09 27.54
CA LEU A 59 4.37 -13.34 28.83
C LEU A 59 4.31 -12.09 29.70
N PRO A 60 4.32 -12.25 31.03
CA PRO A 60 4.23 -11.08 31.91
C PRO A 60 5.34 -10.07 31.70
N GLU A 61 6.52 -10.50 31.25
CA GLU A 61 7.62 -9.58 31.01
C GLU A 61 7.50 -8.84 29.69
N ASP A 62 6.54 -9.20 28.84
CA ASP A 62 6.35 -8.57 27.55
C ASP A 62 5.11 -7.69 27.49
N ARG A 63 4.47 -7.44 28.64
CA ARG A 63 3.29 -6.60 28.66
C ARG A 63 3.67 -5.14 28.41
N SER A 64 2.76 -4.42 27.75
CA SER A 64 3.05 -3.04 27.35
C SER A 64 3.24 -2.14 28.57
N GLN A 65 2.40 -2.29 29.59
CA GLN A 65 2.48 -1.43 30.75
C GLN A 65 3.81 -1.58 31.48
N HIS A 66 4.28 -2.81 31.64
CA HIS A 66 5.53 -3.06 32.36
C HIS A 66 6.72 -2.40 31.65
N LEU A 67 6.86 -2.66 30.35
CA LEU A 67 7.96 -2.07 29.60
C LEU A 67 7.88 -0.55 29.58
N GLY A 68 6.66 -0.03 29.36
CA GLY A 68 6.50 1.41 29.33
C GLY A 68 6.84 2.07 30.65
N GLU A 69 6.41 1.47 31.76
CA GLU A 69 6.70 2.03 33.08
C GLU A 69 8.20 1.97 33.37
N GLU A 70 8.86 0.87 33.03
CA GLU A 70 10.30 0.76 33.27
C GLU A 70 11.06 1.83 32.49
N LEU A 71 10.78 1.94 31.19
CA LEU A 71 11.50 2.91 30.38
C LEU A 71 11.14 4.34 30.77
N GLN A 72 9.91 4.58 31.21
CA GLN A 72 9.53 5.91 31.68
C GLN A 72 10.27 6.29 32.95
N GLY A 73 10.42 5.33 33.88
CA GLY A 73 11.21 5.60 35.06
C GLY A 73 12.66 5.95 34.73
N PHE A 74 13.27 5.17 33.83
CA PHE A 74 14.64 5.45 33.45
C PHE A 74 14.76 6.81 32.75
N TRP A 75 13.81 7.12 31.87
CA TRP A 75 13.85 8.40 31.15
C TRP A 75 13.63 9.57 32.09
N ASP A 76 12.75 9.41 33.09
CA ASP A 76 12.55 10.46 34.09
C ASP A 76 13.82 10.69 34.89
N LYS A 77 14.50 9.61 35.29
CA LYS A 77 15.76 9.76 36.01
C LYS A 77 16.79 10.48 35.16
N GLU A 78 16.89 10.10 33.87
CA GLU A 78 17.85 10.75 32.98
C GLU A 78 17.53 12.23 32.80
N VAL A 79 16.24 12.56 32.65
CA VAL A 79 15.85 13.95 32.47
C VAL A 79 16.17 14.76 33.72
N LEU A 80 15.91 14.20 34.90
CA LEU A 80 16.22 14.90 36.14
C LEU A 80 17.72 15.13 36.26
N ARG A 81 18.53 14.12 35.94
CA ARG A 81 19.98 14.29 36.00
C ARG A 81 20.46 15.35 35.02
N ALA A 82 19.92 15.33 33.79
CA ALA A 82 20.33 16.30 32.79
C ALA A 82 19.94 17.71 33.19
N GLU A 83 18.74 17.89 33.74
CA GLU A 83 18.32 19.22 34.20
C GLU A 83 19.19 19.69 35.35
N ASN A 84 19.55 18.78 36.27
CA ASN A 84 20.43 19.15 37.37
C ASN A 84 21.80 19.58 36.87
N ASP A 85 22.33 18.87 35.87
CA ASP A 85 23.65 19.19 35.33
C ASP A 85 23.62 20.28 34.28
N ALA A 86 22.44 20.78 33.92
CA ALA A 86 22.27 21.89 32.97
C ALA A 86 22.81 21.53 31.58
N GLN A 87 22.22 20.50 30.99
CA GLN A 87 22.50 20.14 29.61
C GLN A 87 21.31 19.34 29.07
N LYS A 88 21.37 19.01 27.79
CA LYS A 88 20.29 18.28 27.14
C LYS A 88 20.22 16.84 27.65
N PRO A 89 19.02 16.28 27.74
CA PRO A 89 18.89 14.86 28.08
C PRO A 89 19.04 13.97 26.86
N SER A 90 19.33 12.70 27.12
CA SER A 90 19.64 11.73 26.06
C SER A 90 18.73 10.51 26.19
N LEU A 91 17.75 10.42 25.29
CA LEU A 91 16.91 9.23 25.22
C LEU A 91 17.74 8.00 24.87
N THR A 92 18.75 8.17 24.04
CA THR A 92 19.65 7.06 23.72
C THR A 92 20.38 6.58 24.97
N ARG A 93 20.85 7.50 25.81
CA ARG A 93 21.51 7.12 27.05
C ARG A 93 20.55 6.42 27.99
N ALA A 94 19.30 6.89 28.07
CA ALA A 94 18.31 6.21 28.89
C ALA A 94 18.04 4.80 28.40
N ILE A 95 17.90 4.64 27.07
CA ILE A 95 17.64 3.31 26.50
C ILE A 95 18.80 2.37 26.78
N ILE A 96 20.04 2.87 26.63
CA ILE A 96 21.21 2.04 26.90
C ILE A 96 21.25 1.63 28.37
N LYS A 97 21.06 2.61 29.27
CA LYS A 97 21.05 2.30 30.69
C LYS A 97 19.94 1.35 31.08
N CYS A 98 18.89 1.27 30.27
CA CYS A 98 17.82 0.32 30.56
C CYS A 98 18.11 -1.07 30.03
N TYR A 99 18.65 -1.19 28.81
CA TYR A 99 18.71 -2.47 28.13
C TYR A 99 20.11 -3.07 28.00
N TRP A 100 21.14 -2.44 28.57
CA TRP A 100 22.50 -2.98 28.43
C TRP A 100 22.64 -4.33 29.11
N LYS A 101 22.03 -4.50 30.28
CA LYS A 101 22.16 -5.76 31.01
C LYS A 101 21.62 -6.93 30.21
N SER A 102 20.48 -6.75 29.56
CA SER A 102 19.89 -7.79 28.74
C SER A 102 20.55 -7.92 27.37
N TYR A 103 21.24 -6.89 26.89
CA TYR A 103 21.92 -6.97 25.61
C TYR A 103 23.38 -7.39 25.71
N LEU A 104 23.91 -7.61 26.91
CA LEU A 104 25.27 -8.13 27.02
C LEU A 104 25.35 -9.62 26.70
N VAL A 105 24.36 -10.40 27.16
CA VAL A 105 24.39 -11.85 26.98
C VAL A 105 24.26 -12.22 25.50
N LEU A 106 23.42 -11.47 24.76
CA LEU A 106 23.34 -11.68 23.33
C LEU A 106 24.69 -11.39 22.67
N GLY A 107 25.43 -10.41 23.19
CA GLY A 107 26.78 -10.18 22.71
C GLY A 107 27.70 -11.35 22.99
N ILE A 108 27.56 -11.97 24.16
CA ILE A 108 28.36 -13.17 24.47
C ILE A 108 28.07 -14.27 23.46
N PHE A 109 26.80 -14.51 23.18
CA PHE A 109 26.46 -15.60 22.27
C PHE A 109 26.87 -15.28 20.83
N THR A 110 26.77 -14.02 20.41
CA THR A 110 27.23 -13.69 19.07
C THR A 110 28.75 -13.79 18.96
N LEU A 111 29.47 -13.50 20.05
CA LEU A 111 30.90 -13.74 20.08
C LEU A 111 31.19 -15.22 19.87
N ILE A 112 30.46 -16.08 20.57
CA ILE A 112 30.66 -17.53 20.42
C ILE A 112 30.34 -17.97 18.98
N GLU A 113 29.27 -17.43 18.41
CA GLU A 113 28.86 -17.82 17.06
C GLU A 113 29.91 -17.42 16.02
N GLU A 114 30.39 -16.17 16.10
CA GLU A 114 31.42 -15.73 15.17
C GLU A 114 32.71 -16.52 15.36
N SER A 115 33.03 -16.87 16.62
CA SER A 115 34.20 -17.69 16.88
C SER A 115 34.09 -19.05 16.20
N ALA A 116 32.91 -19.68 16.28
CA ALA A 116 32.72 -20.97 15.64
C ALA A 116 32.82 -20.85 14.12
N LYS A 117 32.21 -19.80 13.55
CA LYS A 117 32.30 -19.55 12.11
C LYS A 117 33.75 -19.44 11.67
N VAL A 118 34.55 -18.69 12.42
CA VAL A 118 35.97 -18.55 12.07
C VAL A 118 36.71 -19.86 12.27
N ILE A 119 36.34 -20.64 13.28
CA ILE A 119 37.14 -21.80 13.69
C ILE A 119 36.99 -22.96 12.72
N GLN A 120 35.75 -23.26 12.28
CA GLN A 120 35.54 -24.55 11.60
C GLN A 120 36.34 -24.78 10.31
N PRO A 121 36.76 -23.75 9.56
CA PRO A 121 37.68 -24.02 8.43
C PRO A 121 38.97 -24.69 8.84
N ILE A 122 39.45 -24.48 10.07
CA ILE A 122 40.68 -25.12 10.51
C ILE A 122 40.51 -26.64 10.54
N PHE A 123 39.38 -27.10 11.08
CA PHE A 123 39.14 -28.55 11.12
C PHE A 123 38.82 -29.10 9.73
N LEU A 124 38.17 -28.31 8.88
CA LEU A 124 38.04 -28.72 7.48
C LEU A 124 39.41 -28.96 6.86
N GLY A 125 40.34 -28.02 7.07
CA GLY A 125 41.68 -28.19 6.53
C GLY A 125 42.42 -29.37 7.13
N LYS A 126 42.17 -29.65 8.41
CA LYS A 126 42.82 -30.81 9.03
C LYS A 126 42.30 -32.12 8.46
N ILE A 127 41.00 -32.19 8.15
CA ILE A 127 40.46 -33.37 7.48
C ILE A 127 41.10 -33.53 6.10
N ILE A 128 41.19 -32.42 5.35
CA ILE A 128 41.83 -32.49 4.03
C ILE A 128 43.29 -32.92 4.16
N ASN A 129 43.97 -32.44 5.22
CA ASN A 129 45.36 -32.81 5.44
C ASN A 129 45.52 -34.28 5.77
N TYR A 130 44.56 -34.85 6.52
CA TYR A 130 44.56 -36.30 6.70
C TYR A 130 44.43 -37.00 5.35
N PHE A 131 43.55 -36.50 4.49
CA PHE A 131 43.40 -37.10 3.17
C PHE A 131 44.66 -36.96 2.34
N GLU A 132 45.47 -35.92 2.59
CA GLU A 132 46.68 -35.71 1.82
C GLU A 132 47.81 -36.67 2.18
N ASN A 133 47.79 -37.21 3.39
CA ASN A 133 48.83 -38.14 3.83
C ASN A 133 48.24 -39.53 4.07
N TYR A 134 47.41 -39.98 3.14
CA TYR A 134 46.65 -41.21 3.33
C TYR A 134 47.55 -42.42 3.48
N ASP A 135 47.25 -43.24 4.48
CA ASP A 135 47.90 -44.53 4.71
C ASP A 135 46.83 -45.54 5.09
N PRO A 136 46.52 -46.51 4.21
CA PRO A 136 45.41 -47.43 4.50
C PRO A 136 45.62 -48.29 5.72
N MET A 137 46.85 -48.49 6.17
CA MET A 137 47.11 -49.36 7.32
C MET A 137 47.08 -48.61 8.64
N ASP A 138 47.45 -47.33 8.66
CA ASP A 138 47.45 -46.57 9.90
C ASP A 138 46.03 -46.33 10.38
N SER A 139 45.83 -46.47 11.70
CA SER A 139 44.50 -46.29 12.29
C SER A 139 44.41 -45.12 13.25
N VAL A 140 45.53 -44.72 13.87
CA VAL A 140 45.50 -43.56 14.77
C VAL A 140 45.16 -42.29 13.99
N ALA A 141 45.70 -42.16 12.78
CA ALA A 141 45.35 -41.02 11.93
C ALA A 141 43.87 -41.04 11.59
N LEU A 142 43.32 -42.22 11.31
CA LEU A 142 41.89 -42.33 11.04
C LEU A 142 41.05 -41.92 12.25
N ASN A 143 41.48 -42.32 13.44
CA ASN A 143 40.76 -41.92 14.66
C ASN A 143 40.81 -40.41 14.86
N THR A 144 41.99 -39.81 14.63
CA THR A 144 42.10 -38.35 14.76
C THR A 144 41.24 -37.65 13.72
N ALA A 145 41.17 -38.18 12.50
CA ALA A 145 40.31 -37.60 11.47
C ALA A 145 38.84 -37.68 11.88
N TYR A 146 38.43 -38.81 12.47
CA TYR A 146 37.07 -38.93 12.96
C TYR A 146 36.79 -37.92 14.06
N ALA A 147 37.76 -37.71 14.95
CA ALA A 147 37.60 -36.70 16.00
C ALA A 147 37.45 -35.30 15.41
N TYR A 148 38.25 -34.98 14.40
CA TYR A 148 38.14 -33.68 13.74
C TYR A 148 36.79 -33.51 13.07
N ALA A 149 36.29 -34.58 12.42
CA ALA A 149 34.96 -34.53 11.82
C ALA A 149 33.89 -34.33 12.88
N THR A 150 34.04 -34.96 14.04
CA THR A 150 33.09 -34.77 15.12
C THR A 150 33.08 -33.32 15.61
N VAL A 151 34.27 -32.71 15.73
CA VAL A 151 34.34 -31.32 16.13
C VAL A 151 33.71 -30.41 15.08
N LEU A 152 33.93 -30.72 13.81
CA LEU A 152 33.29 -29.96 12.73
C LEU A 152 31.77 -30.05 12.81
N THR A 153 31.25 -31.26 13.08
CA THR A 153 29.81 -31.41 13.23
C THR A 153 29.29 -30.68 14.46
N PHE A 154 30.06 -30.63 15.55
CA PHE A 154 29.65 -29.85 16.71
C PHE A 154 29.56 -28.37 16.39
N CYS A 155 30.54 -27.85 15.64
CA CYS A 155 30.47 -26.45 15.21
C CYS A 155 29.26 -26.21 14.32
N THR A 156 28.98 -27.14 13.41
CA THR A 156 27.82 -27.00 12.54
C THR A 156 26.53 -27.00 13.34
N LEU A 157 26.42 -27.87 14.34
CA LEU A 157 25.21 -27.91 15.16
C LEU A 157 25.06 -26.63 15.98
N ILE A 158 26.17 -26.10 16.49
CA ILE A 158 26.11 -24.82 17.20
C ILE A 158 25.61 -23.71 16.27
N LEU A 159 26.11 -23.68 15.04
CA LEU A 159 25.68 -22.65 14.09
C LEU A 159 24.25 -22.86 13.59
N ALA A 160 23.73 -24.08 13.63
CA ALA A 160 22.45 -24.37 13.01
C ALA A 160 21.28 -24.50 13.98
N ILE A 161 21.52 -24.82 15.25
CA ILE A 161 20.46 -25.17 16.18
C ILE A 161 20.20 -24.05 17.20
N LEU A 162 21.22 -23.68 17.97
CA LEU A 162 21.04 -22.68 19.02
C LEU A 162 20.88 -21.26 18.48
N HIS A 163 21.34 -21.02 17.25
CA HIS A 163 21.24 -19.70 16.66
C HIS A 163 19.80 -19.23 16.56
N HIS A 164 18.85 -20.15 16.46
CA HIS A 164 17.45 -19.75 16.30
C HIS A 164 16.84 -19.24 17.59
N LEU A 165 17.16 -19.89 18.72
CA LEU A 165 16.75 -19.35 20.01
C LEU A 165 17.44 -18.01 20.28
N TYR A 166 18.73 -17.92 19.94
CA TYR A 166 19.44 -16.65 20.07
C TYR A 166 18.77 -15.55 19.26
N PHE A 167 18.39 -15.86 18.02
CA PHE A 167 17.77 -14.88 17.14
C PHE A 167 16.39 -14.47 17.64
N TYR A 168 15.63 -15.43 18.18
CA TYR A 168 14.33 -15.09 18.74
C TYR A 168 14.48 -14.11 19.90
N HIS A 169 15.45 -14.36 20.78
CA HIS A 169 15.66 -13.43 21.89
C HIS A 169 16.12 -12.07 21.39
N VAL A 170 16.97 -12.05 20.36
CA VAL A 170 17.45 -10.79 19.78
C VAL A 170 16.28 -9.97 19.24
N GLN A 171 15.36 -10.64 18.54
CA GLN A 171 14.21 -9.93 17.99
C GLN A 171 13.24 -9.51 19.08
N CYS A 172 13.10 -10.32 20.14
CA CYS A 172 12.22 -9.96 21.24
C CYS A 172 12.72 -8.71 21.96
N ALA A 173 14.04 -8.53 22.04
CA ALA A 173 14.56 -7.30 22.63
C ALA A 173 14.09 -6.06 21.87
N GLY A 174 14.18 -6.12 20.54
CA GLY A 174 13.71 -4.98 19.74
C GLY A 174 12.21 -4.79 19.84
N MET A 175 11.46 -5.89 19.92
CA MET A 175 10.01 -5.78 20.10
C MET A 175 9.68 -5.08 21.42
N ARG A 176 10.39 -5.45 22.49
CA ARG A 176 10.19 -4.79 23.79
C ARG A 176 10.52 -3.31 23.71
N LEU A 177 11.62 -2.97 23.03
CA LEU A 177 11.98 -1.56 22.87
C LEU A 177 10.89 -0.78 22.15
N ARG A 178 10.37 -1.35 21.06
CA ARG A 178 9.33 -0.68 20.29
C ARG A 178 8.06 -0.51 21.11
N VAL A 179 7.68 -1.53 21.87
CA VAL A 179 6.46 -1.45 22.69
C VAL A 179 6.59 -0.38 23.75
N ALA A 180 7.73 -0.32 24.44
CA ALA A 180 7.94 0.72 25.45
C ALA A 180 7.95 2.11 24.81
N MET A 181 8.58 2.23 23.65
CA MET A 181 8.55 3.50 22.91
C MET A 181 7.12 3.93 22.64
N CYS A 182 6.29 3.03 22.14
CA CYS A 182 4.91 3.36 21.81
C CYS A 182 4.13 3.76 23.05
N HIS A 183 4.32 3.03 24.16
CA HIS A 183 3.61 3.36 25.39
C HIS A 183 3.97 4.75 25.89
N MET A 184 5.26 5.08 25.89
CA MET A 184 5.66 6.41 26.38
C MET A 184 5.19 7.51 25.42
N ILE A 185 5.20 7.23 24.12
CA ILE A 185 4.73 8.22 23.14
C ILE A 185 3.25 8.51 23.38
N TYR A 186 2.45 7.47 23.60
CA TYR A 186 1.02 7.69 23.86
C TYR A 186 0.82 8.44 25.17
N ARG A 187 1.58 8.09 26.21
CA ARG A 187 1.43 8.77 27.48
C ARG A 187 1.77 10.25 27.36
N LYS A 188 2.81 10.59 26.60
CA LYS A 188 3.14 11.99 26.37
C LYS A 188 2.07 12.69 25.56
N ALA A 189 1.59 12.04 24.48
CA ALA A 189 0.59 12.66 23.62
C ALA A 189 -0.73 12.87 24.32
N LEU A 190 -1.00 12.12 25.40
CA LEU A 190 -2.26 12.29 26.12
C LEU A 190 -2.26 13.50 27.06
N ARG A 191 -1.15 14.23 27.17
CA ARG A 191 -1.10 15.38 28.07
C ARG A 191 -0.37 16.56 27.44
N LEU A 192 -0.38 16.65 26.11
CA LEU A 192 0.27 17.78 25.44
C LEU A 192 -0.55 19.05 25.58
N SER A 193 0.14 20.19 25.53
CA SER A 193 -0.51 21.48 25.69
C SER A 193 -1.18 21.93 24.38
N ASN A 194 -2.02 22.94 24.50
CA ASN A 194 -2.73 23.48 23.33
C ASN A 194 -1.76 24.10 22.34
N MET A 195 -0.74 24.80 22.83
CA MET A 195 0.29 25.32 21.93
C MET A 195 1.03 24.19 21.22
N ALA A 196 1.30 23.09 21.93
CA ALA A 196 1.93 21.94 21.30
C ALA A 196 1.05 21.36 20.21
N MET A 197 -0.26 21.20 20.48
CA MET A 197 -1.17 20.70 19.45
C MET A 197 -1.26 21.65 18.26
N GLY A 198 -1.20 22.95 18.50
CA GLY A 198 -1.17 23.90 17.40
C GLY A 198 0.10 23.78 16.57
N LYS A 199 1.24 23.58 17.21
CA LYS A 199 2.49 23.41 16.48
C LYS A 199 2.48 22.13 15.66
N THR A 200 2.02 21.03 16.23
CA THR A 200 2.02 19.74 15.54
C THR A 200 0.66 19.49 14.91
N THR A 201 0.45 18.27 14.42
CA THR A 201 -0.82 17.82 13.87
C THR A 201 -1.13 16.44 14.43
N THR A 202 -2.29 15.91 14.02
CA THR A 202 -2.67 14.55 14.40
C THR A 202 -2.03 13.50 13.49
N GLY A 203 -1.34 13.92 12.43
CA GLY A 203 -0.67 12.99 11.55
C GLY A 203 0.78 12.78 11.92
N GLN A 204 1.41 13.82 12.49
CA GLN A 204 2.79 13.69 12.93
C GLN A 204 2.91 12.66 14.05
N ILE A 205 1.96 12.65 14.99
CA ILE A 205 1.99 11.67 16.07
C ILE A 205 1.71 10.27 15.51
N VAL A 206 0.83 10.15 14.53
CA VAL A 206 0.52 8.84 13.98
C VAL A 206 1.72 8.27 13.20
N ASN A 207 2.40 9.10 12.41
CA ASN A 207 3.45 8.58 11.55
C ASN A 207 4.69 8.17 12.32
N LEU A 208 5.05 8.91 13.38
CA LEU A 208 6.25 8.58 14.12
C LEU A 208 6.08 7.30 14.94
N LEU A 209 4.86 6.81 15.09
CA LEU A 209 4.60 5.52 15.71
C LEU A 209 4.27 4.44 14.71
N SER A 210 3.79 4.80 13.52
CA SER A 210 3.50 3.81 12.49
C SER A 210 4.71 3.44 11.64
N ASN A 211 5.69 4.35 11.49
CA ASN A 211 6.86 4.08 10.66
C ASN A 211 8.19 4.39 11.33
N ASP A 212 8.24 5.32 12.27
CA ASP A 212 9.50 5.69 12.91
C ASP A 212 9.83 4.84 14.12
N VAL A 213 8.86 4.11 14.67
CA VAL A 213 9.12 3.21 15.79
C VAL A 213 9.46 1.81 15.33
N ASN A 214 9.24 1.49 14.05
CA ASN A 214 9.53 0.17 13.53
C ASN A 214 11.01 -0.06 13.26
N LYS A 215 11.83 0.99 13.35
CA LYS A 215 13.28 0.81 13.20
C LYS A 215 13.88 0.04 14.35
N PHE A 216 13.20 0.00 15.50
CA PHE A 216 13.70 -0.70 16.67
C PHE A 216 13.56 -2.20 16.56
N ASP A 217 12.67 -2.69 15.70
CA ASP A 217 12.57 -4.12 15.45
C ASP A 217 13.77 -4.64 14.67
N GLN A 218 14.42 -3.78 13.88
CA GLN A 218 15.53 -4.19 13.03
C GLN A 218 16.89 -3.69 13.50
N VAL A 219 16.94 -2.69 14.39
CA VAL A 219 18.22 -2.22 14.89
C VAL A 219 18.93 -3.27 15.74
N THR A 220 18.19 -4.05 16.53
CA THR A 220 18.82 -5.00 17.45
C THR A 220 19.39 -6.21 16.74
N VAL A 221 18.85 -6.57 15.58
CA VAL A 221 19.35 -7.74 14.85
C VAL A 221 20.81 -7.53 14.44
N PHE A 222 21.13 -6.34 13.96
CA PHE A 222 22.47 -6.02 13.46
C PHE A 222 23.25 -5.11 14.40
N LEU A 223 22.76 -4.90 15.62
CA LEU A 223 23.45 -3.97 16.52
C LEU A 223 24.81 -4.49 16.96
N HIS A 224 24.97 -5.80 17.09
CA HIS A 224 26.20 -6.37 17.59
C HIS A 224 27.24 -6.63 16.50
N PHE A 225 26.89 -6.39 15.23
CA PHE A 225 27.85 -6.56 14.15
C PHE A 225 28.83 -5.40 14.02
N LEU A 226 28.55 -4.26 14.66
CA LEU A 226 29.46 -3.13 14.60
C LEU A 226 30.81 -3.43 15.22
N TRP A 227 30.86 -4.36 16.19
CA TRP A 227 32.13 -4.81 16.75
C TRP A 227 32.50 -6.22 16.35
N ALA A 228 31.55 -7.03 15.87
CA ALA A 228 31.82 -8.39 15.43
C ALA A 228 32.16 -8.46 13.96
N GLY A 229 32.12 -7.35 13.23
CA GLY A 229 32.53 -7.31 11.85
C GLY A 229 34.01 -7.05 11.71
N PRO A 230 34.49 -5.93 12.26
CA PRO A 230 35.94 -5.69 12.24
C PRO A 230 36.75 -6.77 12.95
N LEU A 231 36.25 -7.29 14.07
CA LEU A 231 36.98 -8.33 14.79
C LEU A 231 37.07 -9.61 13.96
N GLN A 232 35.95 -10.02 13.35
CA GLN A 232 35.98 -11.22 12.51
C GLN A 232 36.88 -11.01 11.30
N ALA A 233 36.84 -9.81 10.70
CA ALA A 233 37.71 -9.52 9.57
C ALA A 233 39.18 -9.59 9.96
N ILE A 234 39.55 -9.03 11.11
CA ILE A 234 40.94 -9.07 11.55
C ILE A 234 41.37 -10.50 11.83
N ALA A 235 40.51 -11.29 12.49
CA ALA A 235 40.85 -12.68 12.78
C ALA A 235 41.01 -13.49 11.50
N VAL A 236 40.11 -13.29 10.53
CA VAL A 236 40.18 -14.01 9.27
C VAL A 236 41.45 -13.61 8.51
N THR A 237 41.80 -12.33 8.56
CA THR A 237 43.04 -11.89 7.91
C THR A 237 44.26 -12.52 8.57
N ALA A 238 44.26 -12.62 9.89
CA ALA A 238 45.38 -13.26 10.59
C ALA A 238 45.49 -14.74 10.22
N LEU A 239 44.35 -15.43 10.18
CA LEU A 239 44.38 -16.84 9.80
C LEU A 239 44.82 -17.02 8.34
N LEU A 240 44.37 -16.13 7.45
CA LEU A 240 44.79 -16.22 6.06
C LEU A 240 46.29 -15.97 5.93
N TRP A 241 46.83 -15.02 6.71
CA TRP A 241 48.27 -14.80 6.69
C TRP A 241 49.02 -16.01 7.22
N MET A 242 48.47 -16.67 8.24
CA MET A 242 49.09 -17.91 8.73
C MET A 242 49.05 -19.02 7.68
N GLU A 243 47.98 -19.06 6.88
CA GLU A 243 47.79 -20.13 5.90
C GLU A 243 48.60 -19.92 4.63
N ILE A 244 48.32 -18.84 3.90
CA ILE A 244 48.92 -18.61 2.59
C ILE A 244 49.98 -17.51 2.59
N GLY A 245 49.91 -16.56 3.52
CA GLY A 245 50.94 -15.55 3.61
C GLY A 245 50.54 -14.19 3.07
N ILE A 246 51.48 -13.51 2.43
CA ILE A 246 51.23 -12.15 1.94
C ILE A 246 50.22 -12.13 0.80
N SER A 247 49.96 -13.28 0.18
CA SER A 247 49.04 -13.32 -0.96
C SER A 247 47.60 -13.02 -0.56
N CYS A 248 47.26 -13.11 0.73
CA CYS A 248 45.92 -12.79 1.18
C CYS A 248 45.59 -11.31 1.02
N LEU A 249 46.61 -10.47 0.87
CA LEU A 249 46.39 -9.03 0.77
C LEU A 249 45.63 -8.66 -0.49
N ALA A 250 45.82 -9.39 -1.59
CA ALA A 250 45.08 -9.09 -2.82
C ALA A 250 43.59 -9.36 -2.63
N GLY A 251 43.25 -10.51 -2.06
CA GLY A 251 41.85 -10.81 -1.81
C GLY A 251 41.23 -9.84 -0.82
N MET A 252 41.99 -9.47 0.22
CA MET A 252 41.49 -8.48 1.17
C MET A 252 41.29 -7.13 0.52
N ALA A 253 42.18 -6.73 -0.39
CA ALA A 253 42.01 -5.47 -1.10
C ALA A 253 40.77 -5.48 -1.98
N VAL A 254 40.53 -6.58 -2.68
CA VAL A 254 39.32 -6.68 -3.50
C VAL A 254 38.07 -6.61 -2.62
N LEU A 255 38.09 -7.34 -1.50
CA LEU A 255 36.94 -7.33 -0.60
C LEU A 255 36.70 -5.94 -0.02
N ILE A 256 37.77 -5.21 0.30
CA ILE A 256 37.63 -3.84 0.79
C ILE A 256 37.06 -2.93 -0.29
N ILE A 257 37.56 -3.07 -1.52
CA ILE A 257 37.08 -2.26 -2.64
C ILE A 257 35.60 -2.52 -2.91
N LEU A 258 35.12 -3.71 -2.55
CA LEU A 258 33.72 -4.04 -2.80
C LEU A 258 32.75 -3.13 -2.05
N LEU A 259 33.19 -2.42 -1.00
CA LEU A 259 32.28 -1.58 -0.22
C LEU A 259 31.94 -0.26 -0.92
N PRO A 260 32.94 0.56 -1.32
CA PRO A 260 32.59 1.79 -2.05
C PRO A 260 31.87 1.54 -3.35
N LEU A 261 32.14 0.41 -4.00
CA LEU A 261 31.41 0.06 -5.23
C LEU A 261 29.92 -0.09 -4.93
N GLN A 262 29.57 -0.79 -3.85
CA GLN A 262 28.18 -0.92 -3.46
C GLN A 262 27.57 0.41 -3.04
N SER A 263 28.35 1.24 -2.34
CA SER A 263 27.85 2.57 -1.97
C SER A 263 27.51 3.41 -3.19
N CYS A 264 28.40 3.43 -4.19
CA CYS A 264 28.14 4.12 -5.44
C CYS A 264 26.96 3.54 -6.21
N PHE A 265 26.84 2.21 -6.25
CA PHE A 265 25.66 1.58 -6.84
C PHE A 265 24.38 2.07 -6.20
N GLY A 266 24.33 2.12 -4.87
CA GLY A 266 23.15 2.62 -4.18
C GLY A 266 22.87 4.08 -4.46
N LYS A 267 23.91 4.91 -4.41
CA LYS A 267 23.77 6.34 -4.66
C LYS A 267 23.35 6.67 -6.08
N LEU A 268 23.66 5.79 -7.04
CA LEU A 268 23.22 5.98 -8.42
C LEU A 268 21.83 5.41 -8.66
N PHE A 269 21.50 4.28 -8.03
CA PHE A 269 20.16 3.71 -8.15
C PHE A 269 19.11 4.63 -7.55
N SER A 270 19.44 5.27 -6.42
CA SER A 270 18.50 6.22 -5.83
C SER A 270 18.21 7.40 -6.76
N SER A 271 19.24 7.94 -7.42
CA SER A 271 19.07 9.02 -8.39
C SER A 271 18.24 8.57 -9.59
N LEU A 272 18.47 7.35 -10.08
CA LEU A 272 17.67 6.85 -11.19
C LEU A 272 16.21 6.64 -10.81
N ARG A 273 15.96 6.18 -9.57
CA ARG A 273 14.58 5.95 -9.12
C ARG A 273 13.83 7.23 -8.85
N SER A 274 14.49 8.25 -8.29
CA SER A 274 13.86 9.55 -8.07
C SER A 274 13.49 10.24 -9.38
N LYS A 275 14.07 9.81 -10.50
CA LYS A 275 13.70 10.34 -11.81
C LYS A 275 12.57 9.55 -12.46
N THR A 276 12.44 8.27 -12.14
CA THR A 276 11.31 7.48 -12.62
C THR A 276 10.02 7.81 -11.87
N ALA A 277 10.16 8.20 -10.60
CA ALA A 277 8.98 8.53 -9.79
C ALA A 277 8.20 9.71 -10.39
N THR A 278 8.91 10.70 -10.94
CA THR A 278 8.25 11.88 -11.46
C THR A 278 7.44 11.60 -12.72
N PHE A 279 7.73 10.50 -13.42
CA PHE A 279 6.92 10.06 -14.54
C PHE A 279 5.82 9.11 -14.12
N THR A 280 6.11 8.23 -13.14
CA THR A 280 5.08 7.33 -12.63
C THR A 280 3.92 8.11 -12.02
N ASP A 281 4.23 9.18 -11.27
CA ASP A 281 3.17 9.97 -10.66
C ASP A 281 2.30 10.65 -11.69
N ALA A 282 2.90 11.20 -12.75
CA ALA A 282 2.13 11.83 -13.81
C ALA A 282 1.25 10.81 -14.53
N ARG A 283 1.80 9.63 -14.81
CA ARG A 283 1.01 8.59 -15.45
C ARG A 283 -0.18 8.18 -14.58
N ILE A 284 0.04 8.04 -13.28
CA ILE A 284 -1.04 7.65 -12.38
C ILE A 284 -2.10 8.74 -12.28
N ARG A 285 -1.67 10.00 -12.27
CA ARG A 285 -2.64 11.09 -12.23
C ARG A 285 -3.49 11.12 -13.49
N THR A 286 -2.86 10.94 -14.66
CA THR A 286 -3.62 10.90 -15.91
C THR A 286 -4.58 9.70 -15.92
N MET A 287 -4.13 8.56 -15.40
CA MET A 287 -5.00 7.38 -15.32
C MET A 287 -6.20 7.66 -14.42
N ASN A 288 -5.97 8.30 -13.27
CA ASN A 288 -7.07 8.65 -12.39
C ASN A 288 -8.06 9.57 -13.09
N GLU A 289 -7.55 10.56 -13.83
CA GLU A 289 -8.43 11.49 -14.53
C GLU A 289 -9.28 10.79 -15.58
N VAL A 290 -8.66 9.92 -16.39
CA VAL A 290 -9.41 9.27 -17.46
C VAL A 290 -10.42 8.28 -16.88
N ILE A 291 -10.04 7.57 -15.80
CA ILE A 291 -10.95 6.62 -15.18
C ILE A 291 -12.14 7.36 -14.58
N THR A 292 -11.88 8.47 -13.88
CA THR A 292 -12.97 9.23 -13.26
C THR A 292 -13.92 9.81 -14.31
N GLY A 293 -13.36 10.39 -15.38
CA GLY A 293 -14.19 11.01 -16.39
C GLY A 293 -14.44 10.11 -17.60
N ILE A 294 -14.60 8.81 -17.36
CA ILE A 294 -14.72 7.87 -18.47
C ILE A 294 -16.03 8.05 -19.22
N ARG A 295 -17.11 8.41 -18.54
CA ARG A 295 -18.38 8.65 -19.23
C ARG A 295 -18.27 9.83 -20.18
N ILE A 296 -17.63 10.91 -19.73
CA ILE A 296 -17.50 12.10 -20.57
C ILE A 296 -16.53 11.84 -21.73
N ILE A 297 -15.43 11.14 -21.47
CA ILE A 297 -14.47 10.84 -22.52
C ILE A 297 -15.11 9.96 -23.60
N LYS A 298 -15.84 8.92 -23.17
CA LYS A 298 -16.58 8.10 -24.14
C LYS A 298 -17.63 8.92 -24.87
N MET A 299 -18.27 9.85 -24.17
CA MET A 299 -19.29 10.69 -24.78
C MET A 299 -18.69 11.55 -25.88
N TYR A 300 -17.52 12.13 -25.63
CA TYR A 300 -16.85 13.02 -26.59
C TYR A 300 -15.95 12.28 -27.57
N ALA A 301 -15.67 10.99 -27.34
CA ALA A 301 -14.78 10.20 -28.18
C ALA A 301 -13.37 10.79 -28.21
N TRP A 302 -12.75 10.86 -27.03
CA TRP A 302 -11.39 11.35 -26.87
C TRP A 302 -10.43 10.28 -26.36
N GLU A 303 -10.86 9.01 -26.37
CA GLU A 303 -10.02 7.94 -25.85
C GLU A 303 -8.73 7.81 -26.64
N LYS A 304 -8.74 8.14 -27.94
CA LYS A 304 -7.52 8.10 -28.72
C LYS A 304 -6.51 9.12 -28.21
N SER A 305 -6.95 10.34 -27.91
CA SER A 305 -6.04 11.36 -27.39
C SER A 305 -5.50 10.96 -26.03
N PHE A 306 -6.36 10.46 -25.15
CA PHE A 306 -5.87 10.03 -23.84
C PHE A 306 -4.93 8.83 -23.96
N SER A 307 -5.19 7.93 -24.90
CA SER A 307 -4.28 6.81 -25.14
C SER A 307 -2.92 7.30 -25.62
N ASN A 308 -2.91 8.30 -26.51
CA ASN A 308 -1.63 8.85 -26.97
C ASN A 308 -0.85 9.45 -25.80
N LEU A 309 -1.53 10.22 -24.95
CA LEU A 309 -0.85 10.83 -23.81
C LEU A 309 -0.29 9.77 -22.87
N ILE A 310 -1.09 8.75 -22.55
CA ILE A 310 -0.66 7.70 -21.63
C ILE A 310 0.48 6.89 -22.23
N THR A 311 0.42 6.65 -23.55
CA THR A 311 1.49 5.92 -24.22
C THR A 311 2.81 6.68 -24.13
N ASN A 312 2.76 7.99 -24.38
CA ASN A 312 3.99 8.80 -24.28
C ASN A 312 4.55 8.75 -22.87
N LEU A 313 3.70 8.95 -21.87
CA LEU A 313 4.17 8.94 -20.48
C LEU A 313 4.74 7.57 -20.10
N ARG A 314 4.07 6.49 -20.51
CA ARG A 314 4.54 5.15 -20.18
C ARG A 314 5.87 4.85 -20.83
N LYS A 315 6.07 5.26 -22.08
CA LYS A 315 7.35 5.04 -22.74
C LYS A 315 8.47 5.82 -22.05
N LYS A 316 8.19 7.07 -21.66
CA LYS A 316 9.19 7.85 -20.94
C LYS A 316 9.56 7.20 -19.62
N GLU A 317 8.57 6.64 -18.91
CA GLU A 317 8.87 5.96 -17.65
C GLU A 317 9.63 4.65 -17.90
N ILE A 318 9.28 3.94 -18.97
CA ILE A 318 9.88 2.65 -19.27
C ILE A 318 11.36 2.79 -19.60
N SER A 319 11.75 3.88 -20.25
CA SER A 319 13.18 4.09 -20.52
C SER A 319 14.00 4.09 -19.23
N LYS A 320 13.57 4.89 -18.24
CA LYS A 320 14.30 4.95 -16.98
C LYS A 320 14.20 3.64 -16.21
N ILE A 321 13.05 2.96 -16.30
CA ILE A 321 12.93 1.64 -15.68
C ILE A 321 13.95 0.68 -16.28
N LEU A 322 14.16 0.75 -17.59
CA LEU A 322 15.16 -0.08 -18.25
C LEU A 322 16.57 0.23 -17.75
N ARG A 323 16.89 1.51 -17.61
CA ARG A 323 18.22 1.87 -17.08
C ARG A 323 18.42 1.33 -15.67
N SER A 324 17.41 1.49 -14.81
CA SER A 324 17.51 1.00 -13.44
C SER A 324 17.63 -0.52 -13.41
N SER A 325 16.90 -1.22 -14.28
CA SER A 325 16.98 -2.67 -14.35
C SER A 325 18.37 -3.12 -14.77
N CYS A 326 18.97 -2.43 -15.75
CA CYS A 326 20.33 -2.78 -16.15
C CYS A 326 21.31 -2.58 -14.99
N LEU A 327 21.15 -1.49 -14.24
CA LEU A 327 22.04 -1.26 -13.10
C LEU A 327 21.88 -2.36 -12.05
N ARG A 328 20.64 -2.74 -11.75
CA ARG A 328 20.40 -3.80 -10.77
C ARG A 328 20.96 -5.14 -11.24
N GLY A 329 20.83 -5.45 -12.53
CA GLY A 329 21.41 -6.66 -13.06
C GLY A 329 22.93 -6.68 -12.94
N MET A 330 23.56 -5.54 -13.21
CA MET A 330 25.00 -5.46 -13.02
C MET A 330 25.39 -5.66 -11.56
N ASN A 331 24.61 -5.09 -10.64
CA ASN A 331 24.87 -5.29 -9.21
C ASN A 331 24.79 -6.77 -8.84
N LEU A 332 23.75 -7.45 -9.33
CA LEU A 332 23.60 -8.87 -9.00
C LEU A 332 24.71 -9.70 -9.60
N ALA A 333 25.14 -9.39 -10.83
CA ALA A 333 26.25 -10.11 -11.43
C ALA A 333 27.54 -9.90 -10.65
N SER A 334 27.79 -8.67 -10.19
CA SER A 334 28.96 -8.41 -9.38
C SER A 334 28.92 -9.21 -8.08
N PHE A 335 27.75 -9.27 -7.44
CA PHE A 335 27.62 -10.08 -6.23
C PHE A 335 27.87 -11.55 -6.53
N PHE A 336 27.41 -12.03 -7.68
CA PHE A 336 27.58 -13.43 -8.05
C PHE A 336 29.05 -13.77 -8.27
N SER A 337 29.81 -12.89 -8.93
CA SER A 337 31.18 -13.20 -9.34
C SER A 337 32.26 -12.61 -8.43
N ALA A 338 31.88 -11.93 -7.34
CA ALA A 338 32.88 -11.35 -6.45
C ALA A 338 33.78 -12.43 -5.84
N SER A 339 33.20 -13.54 -5.38
CA SER A 339 34.01 -14.59 -4.77
C SER A 339 34.98 -15.19 -5.76
N LYS A 340 34.53 -15.42 -7.00
CA LYS A 340 35.42 -15.93 -8.03
C LYS A 340 36.57 -14.98 -8.28
N ILE A 341 36.29 -13.67 -8.36
CA ILE A 341 37.35 -12.71 -8.60
C ILE A 341 38.35 -12.70 -7.44
N ILE A 342 37.84 -12.73 -6.20
CA ILE A 342 38.72 -12.69 -5.03
C ILE A 342 39.65 -13.90 -5.02
N VAL A 343 39.08 -15.09 -5.19
CA VAL A 343 39.91 -16.29 -5.16
C VAL A 343 40.89 -16.29 -6.33
N PHE A 344 40.45 -15.79 -7.49
CA PHE A 344 41.33 -15.75 -8.65
C PHE A 344 42.56 -14.89 -8.39
N VAL A 345 42.34 -13.65 -7.92
CA VAL A 345 43.50 -12.78 -7.70
C VAL A 345 44.38 -13.34 -6.59
N THR A 346 43.77 -13.84 -5.51
CA THR A 346 44.55 -14.36 -4.39
C THR A 346 45.48 -15.48 -4.84
N PHE A 347 44.95 -16.49 -5.52
CA PHE A 347 45.82 -17.60 -5.88
C PHE A 347 46.67 -17.30 -7.12
N THR A 348 46.28 -16.34 -7.96
CA THR A 348 47.18 -15.90 -9.02
C THR A 348 48.46 -15.33 -8.43
N THR A 349 48.34 -14.39 -7.48
CA THR A 349 49.56 -13.87 -6.88
C THR A 349 50.25 -14.92 -6.01
N TYR A 350 49.49 -15.83 -5.41
CA TYR A 350 50.09 -16.89 -4.59
C TYR A 350 51.01 -17.77 -5.43
N VAL A 351 50.56 -18.19 -6.61
CA VAL A 351 51.41 -19.04 -7.45
C VAL A 351 52.45 -18.23 -8.22
N LEU A 352 52.21 -16.94 -8.48
CA LEU A 352 53.21 -16.14 -9.16
C LEU A 352 54.38 -15.78 -8.25
N LEU A 353 54.14 -15.67 -6.94
CA LEU A 353 55.23 -15.34 -6.02
C LEU A 353 56.23 -16.48 -5.85
N GLY A 354 55.90 -17.70 -6.27
CA GLY A 354 56.84 -18.80 -6.25
C GLY A 354 56.41 -20.03 -5.47
N SER A 355 55.18 -20.09 -4.95
CA SER A 355 54.74 -21.24 -4.18
C SER A 355 53.96 -22.21 -5.06
N VAL A 356 53.48 -23.31 -4.46
CA VAL A 356 52.72 -24.33 -5.16
C VAL A 356 51.35 -24.44 -4.53
N ILE A 357 50.44 -25.08 -5.26
CA ILE A 357 49.03 -25.15 -4.87
C ILE A 357 48.78 -26.51 -4.23
N THR A 358 48.17 -26.49 -3.04
CA THR A 358 47.78 -27.70 -2.33
C THR A 358 46.33 -27.59 -1.87
N ALA A 359 45.64 -28.73 -1.89
CA ALA A 359 44.21 -28.79 -1.60
C ALA A 359 43.88 -28.38 -0.18
N SER A 360 44.76 -28.68 0.78
CA SER A 360 44.51 -28.29 2.17
C SER A 360 44.45 -26.79 2.37
N ARG A 361 45.31 -26.04 1.69
CA ARG A 361 45.32 -24.59 1.84
C ARG A 361 44.35 -23.87 0.93
N VAL A 362 44.16 -24.37 -0.30
CA VAL A 362 43.27 -23.69 -1.25
C VAL A 362 41.86 -23.62 -0.70
N PHE A 363 41.35 -24.74 -0.21
CA PHE A 363 39.95 -24.82 0.21
C PHE A 363 39.74 -24.38 1.65
N VAL A 364 40.81 -24.08 2.39
CA VAL A 364 40.67 -23.32 3.62
C VAL A 364 40.60 -21.83 3.32
N ALA A 365 41.44 -21.36 2.40
CA ALA A 365 41.38 -19.96 1.99
C ALA A 365 40.03 -19.63 1.37
N VAL A 366 39.48 -20.55 0.57
CA VAL A 366 38.17 -20.32 -0.05
C VAL A 366 37.09 -20.15 1.01
N THR A 367 37.09 -21.03 2.02
CA THR A 367 36.06 -20.96 3.06
C THR A 367 36.19 -19.69 3.89
N LEU A 368 37.43 -19.34 4.29
CA LEU A 368 37.63 -18.13 5.07
C LEU A 368 37.23 -16.90 4.27
N TYR A 369 37.57 -16.87 2.98
CA TYR A 369 37.18 -15.75 2.13
C TYR A 369 35.67 -15.66 1.99
N GLY A 370 34.99 -16.80 1.87
CA GLY A 370 33.54 -16.77 1.78
C GLY A 370 32.90 -16.19 3.03
N ALA A 371 33.36 -16.66 4.20
CA ALA A 371 32.80 -16.15 5.46
C ALA A 371 33.02 -14.65 5.59
N VAL A 372 34.28 -14.20 5.42
CA VAL A 372 34.57 -12.78 5.57
C VAL A 372 33.89 -11.96 4.50
N ARG A 373 33.63 -12.56 3.32
CA ARG A 373 32.96 -11.81 2.25
C ARG A 373 31.49 -11.57 2.57
N LEU A 374 30.79 -12.61 3.05
CA LEU A 374 29.42 -12.37 3.53
C LEU A 374 29.41 -11.32 4.62
N THR A 375 30.32 -11.44 5.60
CA THR A 375 30.34 -10.49 6.71
C THR A 375 30.57 -9.06 6.22
N VAL A 376 31.52 -8.87 5.31
CA VAL A 376 31.86 -7.53 4.85
C VAL A 376 30.75 -6.95 3.98
N THR A 377 30.21 -7.75 3.06
CA THR A 377 29.30 -7.20 2.06
C THR A 377 27.87 -7.07 2.55
N LEU A 378 27.44 -7.82 3.55
CA LEU A 378 26.04 -7.76 3.98
C LEU A 378 25.87 -7.19 5.39
N PHE A 379 26.50 -7.82 6.39
CA PHE A 379 26.12 -7.55 7.77
C PHE A 379 26.60 -6.18 8.23
N PHE A 380 27.85 -5.82 7.90
CA PHE A 380 28.35 -4.51 8.31
C PHE A 380 27.59 -3.36 7.66
N PRO A 381 27.38 -3.33 6.33
CA PRO A 381 26.56 -2.24 5.76
C PRO A 381 25.14 -2.22 6.27
N SER A 382 24.53 -3.40 6.46
CA SER A 382 23.18 -3.42 7.03
C SER A 382 23.16 -2.82 8.41
N ALA A 383 24.15 -3.17 9.25
CA ALA A 383 24.23 -2.61 10.59
C ALA A 383 24.39 -1.10 10.55
N ILE A 384 25.25 -0.60 9.65
CA ILE A 384 25.46 0.85 9.56
C ILE A 384 24.14 1.54 9.21
N GLU A 385 23.45 1.04 8.19
CA GLU A 385 22.23 1.68 7.73
C GLU A 385 21.15 1.66 8.81
N ARG A 386 20.94 0.49 9.43
CA ARG A 386 19.88 0.40 10.43
C ARG A 386 20.21 1.19 11.69
N VAL A 387 21.49 1.26 12.08
CA VAL A 387 21.86 2.09 13.23
C VAL A 387 21.63 3.56 12.92
N SER A 388 21.94 4.00 11.70
CA SER A 388 21.68 5.39 11.33
C SER A 388 20.19 5.70 11.39
N GLU A 389 19.36 4.82 10.84
CA GLU A 389 17.93 5.05 10.88
C GLU A 389 17.40 5.06 12.32
N ALA A 390 17.91 4.14 13.15
CA ALA A 390 17.47 4.09 14.54
C ALA A 390 17.86 5.34 15.30
N ILE A 391 19.06 5.86 15.05
CA ILE A 391 19.50 7.09 15.72
C ILE A 391 18.62 8.27 15.28
N VAL A 392 18.29 8.34 13.99
CA VAL A 392 17.43 9.42 13.52
C VAL A 392 16.05 9.32 14.18
N SER A 393 15.50 8.10 14.26
CA SER A 393 14.20 7.93 14.88
C SER A 393 14.23 8.26 16.36
N ILE A 394 15.31 7.90 17.06
CA ILE A 394 15.43 8.23 18.48
C ILE A 394 15.51 9.74 18.66
N ARG A 395 16.21 10.43 17.75
CA ARG A 395 16.24 11.89 17.81
C ARG A 395 14.83 12.46 17.64
N ARG A 396 14.06 11.94 16.69
CA ARG A 396 12.71 12.43 16.48
C ARG A 396 11.83 12.20 17.72
N ILE A 397 11.93 11.01 18.31
CA ILE A 397 11.10 10.69 19.47
C ILE A 397 11.52 11.53 20.68
N GLN A 398 12.82 11.77 20.84
CA GLN A 398 13.28 12.64 21.92
C GLN A 398 12.79 14.07 21.72
N THR A 399 12.76 14.53 20.46
CA THR A 399 12.19 15.84 20.18
C THR A 399 10.72 15.89 20.57
N PHE A 400 9.97 14.84 20.22
CA PHE A 400 8.54 14.82 20.55
C PHE A 400 8.32 14.78 22.06
N LEU A 401 9.14 14.03 22.79
CA LEU A 401 8.94 13.87 24.23
C LEU A 401 9.32 15.10 25.03
N LEU A 402 9.61 16.26 24.42
CA LEU A 402 10.05 17.43 25.18
C LEU A 402 9.19 18.66 24.93
N LEU A 403 8.07 18.53 24.21
CA LEU A 403 7.17 19.67 24.04
C LEU A 403 6.56 20.06 25.37
N ASP A 404 6.17 21.33 25.46
CA ASP A 404 5.52 21.85 26.66
C ASP A 404 4.20 21.13 26.90
N GLU A 405 3.97 20.72 28.15
CA GLU A 405 2.78 19.99 28.51
C GLU A 405 1.96 20.78 29.53
N ILE A 406 0.68 20.42 29.64
CA ILE A 406 -0.23 21.13 30.53
C ILE A 406 0.18 20.88 31.97
N SER A 407 0.23 21.95 32.77
CA SER A 407 0.53 21.82 34.18
C SER A 407 -0.60 21.06 34.89
N GLN A 408 -0.23 20.14 35.78
CA GLN A 408 -1.23 19.36 36.49
C GLN A 408 -2.06 20.25 37.40
N ARG A 409 -3.36 19.95 37.46
CA ARG A 409 -4.27 20.73 38.30
C ARG A 409 -3.90 20.56 39.77
N ASN A 410 -3.60 21.68 40.43
CA ASN A 410 -3.21 21.66 41.83
C ASN A 410 -4.43 21.73 42.75
N GLN A 440 -12.76 38.83 27.27
CA GLN A 440 -12.13 40.04 27.77
C GLN A 440 -12.67 40.42 29.15
N GLY A 441 -11.90 40.11 30.19
CA GLY A 441 -12.32 40.40 31.55
C GLY A 441 -13.56 39.65 31.98
N LEU A 442 -13.66 38.38 31.61
CA LEU A 442 -14.82 37.58 31.97
C LEU A 442 -14.82 37.29 33.47
N SER A 443 -15.96 37.54 34.12
CA SER A 443 -16.09 37.31 35.56
C SER A 443 -17.56 36.98 35.84
N PHE A 444 -17.86 35.69 36.00
CA PHE A 444 -19.22 35.25 36.26
C PHE A 444 -19.18 33.94 37.02
N THR A 445 -20.31 33.60 37.66
CA THR A 445 -20.42 32.39 38.44
C THR A 445 -21.74 31.69 38.10
N VAL A 446 -21.75 30.37 38.31
CA VAL A 446 -22.90 29.54 38.04
C VAL A 446 -23.15 28.63 39.24
N ARG A 447 -24.40 28.49 39.63
CA ARG A 447 -24.82 27.70 40.77
C ARG A 447 -25.54 26.43 40.32
N PRO A 448 -25.53 25.38 41.14
CA PRO A 448 -26.25 24.16 40.77
C PRO A 448 -27.74 24.42 40.58
N GLY A 449 -28.31 23.74 39.59
CA GLY A 449 -29.71 23.90 39.25
C GLY A 449 -30.02 25.06 38.32
N GLU A 450 -29.01 25.78 37.85
CA GLU A 450 -29.21 26.93 36.97
C GLU A 450 -28.85 26.53 35.55
N LEU A 451 -29.81 26.69 34.64
CA LEU A 451 -29.60 26.39 33.22
C LEU A 451 -29.11 27.67 32.54
N LEU A 452 -27.80 27.89 32.65
CA LEU A 452 -27.20 29.06 32.01
C LEU A 452 -27.14 28.86 30.50
N ALA A 453 -27.45 29.92 29.77
CA ALA A 453 -27.47 29.88 28.31
C ALA A 453 -26.71 31.07 27.75
N VAL A 454 -25.95 30.83 26.68
CA VAL A 454 -25.19 31.86 25.99
C VAL A 454 -25.61 31.86 24.53
N VAL A 455 -26.03 33.03 24.04
CA VAL A 455 -26.50 33.18 22.65
C VAL A 455 -25.65 34.26 21.99
N GLY A 456 -25.12 33.95 20.82
CA GLY A 456 -24.30 34.90 20.08
C GLY A 456 -23.91 34.38 18.71
N PRO A 457 -23.32 35.24 17.90
CA PRO A 457 -22.89 34.83 16.55
C PRO A 457 -21.66 33.92 16.61
N VAL A 458 -21.33 33.36 15.45
CA VAL A 458 -20.17 32.48 15.35
C VAL A 458 -18.90 33.29 15.53
N GLY A 459 -18.01 32.82 16.39
CA GLY A 459 -16.77 33.51 16.68
C GLY A 459 -16.80 34.42 17.88
N ALA A 460 -17.92 34.46 18.61
CA ALA A 460 -17.99 35.31 19.80
C ALA A 460 -17.02 34.85 20.88
N GLY A 461 -16.88 33.54 21.08
CA GLY A 461 -15.97 33.02 22.08
C GLY A 461 -16.62 32.05 23.05
N LYS A 462 -17.78 31.52 22.68
CA LYS A 462 -18.45 30.53 23.53
C LYS A 462 -17.60 29.28 23.67
N SER A 463 -17.03 28.81 22.57
CA SER A 463 -16.12 27.66 22.64
C SER A 463 -14.89 28.00 23.46
N SER A 464 -14.36 29.21 23.29
CA SER A 464 -13.21 29.64 24.09
C SER A 464 -13.58 29.73 25.57
N LEU A 465 -14.78 30.22 25.88
CA LEU A 465 -15.22 30.29 27.27
C LEU A 465 -15.35 28.89 27.86
N LEU A 466 -15.91 27.95 27.10
CA LEU A 466 -16.03 26.57 27.60
C LEU A 466 -14.65 25.94 27.80
N SER A 467 -13.72 26.22 26.89
CA SER A 467 -12.36 25.70 27.04
C SER A 467 -11.69 26.28 28.28
N ALA A 468 -11.89 27.57 28.54
CA ALA A 468 -11.35 28.20 29.74
C ALA A 468 -11.96 27.59 30.99
N VAL A 469 -13.27 27.30 30.96
CA VAL A 469 -13.91 26.63 32.09
C VAL A 469 -13.30 25.25 32.32
N LEU A 470 -13.08 24.50 31.24
CA LEU A 470 -12.45 23.19 31.35
C LEU A 470 -10.97 23.28 31.70
N GLY A 471 -10.38 24.46 31.64
CA GLY A 471 -8.95 24.62 31.89
C GLY A 471 -8.09 24.57 30.66
N GLU A 472 -8.66 24.54 29.46
CA GLU A 472 -7.87 24.51 28.24
C GLU A 472 -7.22 25.85 27.94
N LEU A 473 -7.88 26.95 28.28
CA LEU A 473 -7.34 28.28 28.04
C LEU A 473 -6.55 28.72 29.28
N ALA A 474 -5.25 28.93 29.11
CA ALA A 474 -4.41 29.32 30.23
C ALA A 474 -4.77 30.73 30.69
N PRO A 475 -5.11 30.92 31.96
CA PRO A 475 -5.52 32.26 32.42
C PRO A 475 -4.33 33.21 32.53
N SER A 476 -4.24 34.16 31.59
CA SER A 476 -3.22 35.19 31.68
C SER A 476 -3.46 36.09 32.88
N HIS A 477 -4.72 36.42 33.15
CA HIS A 477 -5.08 37.22 34.32
C HIS A 477 -6.44 36.76 34.82
N GLY A 478 -6.69 36.97 36.10
CA GLY A 478 -7.92 36.56 36.72
C GLY A 478 -7.79 35.25 37.47
N LEU A 479 -8.94 34.63 37.71
CA LEU A 479 -8.99 33.37 38.44
C LEU A 479 -10.26 32.62 38.07
N VAL A 480 -10.14 31.31 37.88
CA VAL A 480 -11.26 30.44 37.59
C VAL A 480 -11.31 29.35 38.65
N SER A 481 -12.46 29.19 39.29
CA SER A 481 -12.64 28.21 40.36
C SER A 481 -13.69 27.21 39.92
N VAL A 482 -13.26 26.00 39.58
CA VAL A 482 -14.14 24.91 39.17
C VAL A 482 -13.81 23.71 40.05
N HIS A 483 -14.82 23.19 40.75
CA HIS A 483 -14.65 22.05 41.64
C HIS A 483 -15.75 21.03 41.37
N GLY A 484 -15.38 19.76 41.35
CA GLY A 484 -16.32 18.68 41.11
C GLY A 484 -16.17 18.09 39.71
N ARG A 485 -16.88 16.98 39.52
CA ARG A 485 -16.87 16.31 38.22
C ARG A 485 -17.56 17.18 37.18
N ILE A 486 -16.96 17.24 35.98
CA ILE A 486 -17.42 18.12 34.91
C ILE A 486 -17.80 17.27 33.72
N ALA A 487 -18.99 17.53 33.17
CA ALA A 487 -19.46 16.89 31.95
C ALA A 487 -19.41 17.89 30.81
N TYR A 488 -18.78 17.51 29.70
CA TYR A 488 -18.57 18.39 28.57
C TYR A 488 -19.01 17.72 27.29
N VAL A 489 -19.63 18.49 26.40
CA VAL A 489 -20.04 18.02 25.08
C VAL A 489 -19.34 18.91 24.05
N SER A 490 -18.55 18.29 23.18
CA SER A 490 -17.83 19.02 22.16
C SER A 490 -18.78 19.47 21.05
N GLN A 491 -18.38 20.53 20.35
CA GLN A 491 -19.18 21.01 19.22
C GLN A 491 -19.26 19.97 18.12
N GLN A 492 -18.13 19.31 17.82
CA GLN A 492 -18.09 18.22 16.86
C GLN A 492 -18.24 16.89 17.57
N PRO A 493 -19.21 16.07 17.18
CA PRO A 493 -19.37 14.75 17.83
C PRO A 493 -18.13 13.89 17.65
N TRP A 494 -17.79 13.13 18.69
CA TRP A 494 -16.61 12.28 18.68
C TRP A 494 -16.99 10.90 19.21
N VAL A 495 -16.67 9.87 18.43
CA VAL A 495 -16.92 8.48 18.81
C VAL A 495 -15.62 7.71 18.66
N PHE A 496 -15.22 7.00 19.71
CA PHE A 496 -13.99 6.24 19.68
C PHE A 496 -14.25 4.80 19.25
N SER A 497 -13.17 4.06 19.00
CA SER A 497 -13.29 2.68 18.53
C SER A 497 -13.90 1.80 19.62
N GLY A 498 -14.88 1.01 19.24
CA GLY A 498 -15.59 0.17 20.17
C GLY A 498 -17.03 -0.01 19.73
N THR A 499 -17.88 -0.31 20.71
CA THR A 499 -19.31 -0.46 20.48
C THR A 499 -20.08 0.74 21.01
N LEU A 500 -21.36 0.82 20.63
CA LEU A 500 -22.19 1.93 21.09
C LEU A 500 -22.36 1.90 22.60
N ARG A 501 -22.56 0.72 23.18
CA ARG A 501 -22.64 0.60 24.64
C ARG A 501 -21.31 1.00 25.27
N SER A 502 -20.19 0.57 24.69
CA SER A 502 -18.89 0.97 25.21
C SER A 502 -18.69 2.47 25.12
N ASN A 503 -19.14 3.08 24.00
CA ASN A 503 -19.02 4.53 23.86
C ASN A 503 -19.85 5.26 24.91
N ILE A 504 -21.06 4.78 25.17
CA ILE A 504 -21.90 5.40 26.19
C ILE A 504 -21.29 5.24 27.57
N LEU A 505 -20.78 4.05 27.89
CA LEU A 505 -20.20 3.81 29.21
C LEU A 505 -18.95 4.64 29.44
N PHE A 506 -18.10 4.78 28.40
CA PHE A 506 -16.83 5.47 28.52
C PHE A 506 -15.97 4.88 29.64
N GLY A 507 -15.99 3.55 29.76
CA GLY A 507 -15.23 2.85 30.77
C GLY A 507 -15.95 2.64 32.09
N LYS A 508 -17.13 3.23 32.26
CA LYS A 508 -17.87 3.08 33.50
C LYS A 508 -18.58 1.73 33.56
N LYS A 509 -18.89 1.29 34.77
CA LYS A 509 -19.59 0.03 34.96
C LYS A 509 -21.02 0.13 34.41
N TYR A 510 -21.45 -0.93 33.74
CA TYR A 510 -22.78 -0.94 33.13
C TYR A 510 -23.86 -1.13 34.18
N GLU A 511 -24.91 -0.31 34.09
CA GLU A 511 -26.09 -0.42 34.94
C GLU A 511 -27.31 -0.47 34.05
N LYS A 512 -28.12 -1.52 34.21
CA LYS A 512 -29.24 -1.76 33.30
C LYS A 512 -30.26 -0.63 33.36
N GLU A 513 -30.73 -0.30 34.57
CA GLU A 513 -31.79 0.70 34.70
C GLU A 513 -31.30 2.09 34.29
N ARG A 514 -30.08 2.46 34.71
CA ARG A 514 -29.54 3.77 34.33
C ARG A 514 -29.35 3.87 32.82
N TYR A 515 -28.82 2.81 32.20
CA TYR A 515 -28.62 2.82 30.76
C TYR A 515 -29.96 2.91 30.02
N GLU A 516 -30.97 2.17 30.49
CA GLU A 516 -32.28 2.24 29.86
C GLU A 516 -32.90 3.62 30.00
N LYS A 517 -32.77 4.24 31.18
CA LYS A 517 -33.29 5.58 31.38
C LYS A 517 -32.60 6.59 30.48
N VAL A 518 -31.27 6.49 30.35
CA VAL A 518 -30.54 7.41 29.49
C VAL A 518 -30.94 7.20 28.03
N ILE A 519 -31.07 5.95 27.60
CA ILE A 519 -31.44 5.67 26.22
C ILE A 519 -32.84 6.21 25.91
N LYS A 520 -33.79 5.98 26.83
CA LYS A 520 -35.15 6.46 26.61
C LYS A 520 -35.21 7.98 26.63
N ALA A 521 -34.43 8.62 27.49
CA ALA A 521 -34.41 10.08 27.52
C ALA A 521 -33.79 10.66 26.26
N CYS A 522 -32.82 9.96 25.67
CA CYS A 522 -32.14 10.44 24.47
C CYS A 522 -32.86 10.07 23.18
N ALA A 523 -33.95 9.32 23.26
CA ALA A 523 -34.72 8.91 22.08
C ALA A 523 -33.84 8.19 21.06
N LEU A 524 -32.97 7.31 21.56
CA LEU A 524 -32.05 6.57 20.72
C LEU A 524 -32.60 5.23 20.25
N LYS A 525 -33.87 4.92 20.56
CA LYS A 525 -34.43 3.63 20.19
C LYS A 525 -34.47 3.45 18.68
N LYS A 526 -34.87 4.49 17.95
CA LYS A 526 -34.91 4.39 16.48
C LYS A 526 -33.51 4.18 15.91
N ASP A 527 -32.53 4.91 16.43
CA ASP A 527 -31.16 4.75 15.95
C ASP A 527 -30.63 3.35 16.23
N LEU A 528 -30.94 2.81 17.42
CA LEU A 528 -30.52 1.45 17.75
C LEU A 528 -31.20 0.43 16.83
N GLN A 529 -32.49 0.62 16.56
CA GLN A 529 -33.21 -0.30 15.66
C GLN A 529 -32.67 -0.20 14.24
N LEU A 530 -32.14 0.96 13.86
CA LEU A 530 -31.55 1.10 12.53
C LEU A 530 -30.34 0.19 12.33
N LEU A 531 -29.67 -0.21 13.41
CA LEU A 531 -28.50 -1.07 13.33
C LEU A 531 -28.89 -2.53 13.50
N GLU A 532 -28.02 -3.41 13.00
CA GLU A 532 -28.30 -4.85 13.05
C GLU A 532 -28.26 -5.38 14.48
N ASP A 533 -27.21 -5.03 15.22
CA ASP A 533 -27.05 -5.52 16.59
C ASP A 533 -27.63 -4.60 17.64
N GLY A 534 -28.25 -3.49 17.23
CA GLY A 534 -28.84 -2.57 18.18
C GLY A 534 -27.82 -1.71 18.90
N ASP A 535 -27.70 -1.90 20.21
CA ASP A 535 -26.78 -1.11 21.02
C ASP A 535 -25.38 -1.70 21.10
N LEU A 536 -25.18 -2.92 20.61
CA LEU A 536 -23.88 -3.58 20.66
C LEU A 536 -23.13 -3.51 19.34
N THR A 537 -23.65 -2.80 18.35
CA THR A 537 -22.99 -2.70 17.06
C THR A 537 -21.69 -1.93 17.18
N VAL A 538 -20.66 -2.39 16.47
CA VAL A 538 -19.35 -1.75 16.51
C VAL A 538 -19.37 -0.52 15.63
N ILE A 539 -18.93 0.61 16.18
CA ILE A 539 -18.85 1.87 15.45
C ILE A 539 -17.41 2.06 15.00
N GLY A 540 -17.24 2.28 13.69
CA GLY A 540 -15.91 2.44 13.12
C GLY A 540 -15.36 3.83 13.34
N ASP A 541 -14.19 4.06 12.73
CA ASP A 541 -13.54 5.35 12.84
C ASP A 541 -14.38 6.43 12.19
N ARG A 542 -14.53 7.57 12.88
CA ARG A 542 -15.35 8.69 12.43
C ARG A 542 -16.81 8.29 12.24
N GLY A 543 -17.25 7.19 12.85
CA GLY A 543 -18.62 6.77 12.77
C GLY A 543 -19.11 6.43 11.38
N THR A 544 -18.34 5.64 10.65
CA THR A 544 -18.74 5.24 9.31
C THR A 544 -20.02 4.42 9.31
N THR A 545 -20.34 3.75 10.41
CA THR A 545 -21.55 2.97 10.54
C THR A 545 -22.74 3.77 11.06
N LEU A 546 -22.54 5.06 11.33
CA LEU A 546 -23.60 5.91 11.88
C LEU A 546 -23.58 7.24 11.16
N SER A 547 -24.39 8.18 11.65
CA SER A 547 -24.47 9.53 11.12
C SER A 547 -24.07 10.54 12.19
N GLY A 548 -23.96 11.80 11.77
CA GLY A 548 -23.56 12.85 12.69
C GLY A 548 -24.55 13.04 13.83
N GLY A 549 -25.85 13.00 13.52
CA GLY A 549 -26.84 13.09 14.57
C GLY A 549 -26.78 11.93 15.55
N GLN A 550 -26.55 10.73 15.03
CA GLN A 550 -26.41 9.56 15.90
C GLN A 550 -25.19 9.69 16.79
N LYS A 551 -24.07 10.17 16.25
CA LYS A 551 -22.87 10.38 17.06
C LYS A 551 -23.11 11.42 18.15
N ALA A 552 -23.80 12.51 17.80
CA ALA A 552 -24.11 13.53 18.81
C ALA A 552 -25.01 12.97 19.89
N ARG A 553 -26.01 12.17 19.50
CA ARG A 553 -26.89 11.56 20.49
C ARG A 553 -26.13 10.61 21.40
N VAL A 554 -25.22 9.82 20.84
CA VAL A 554 -24.42 8.89 21.65
C VAL A 554 -23.53 9.66 22.62
N ASN A 555 -22.92 10.76 22.15
CA ASN A 555 -22.08 11.57 23.02
C ASN A 555 -22.89 12.18 24.15
N LEU A 556 -24.10 12.68 23.84
CA LEU A 556 -24.96 13.23 24.88
C LEU A 556 -25.37 12.15 25.89
N ALA A 557 -25.69 10.96 25.39
CA ALA A 557 -26.05 9.86 26.29
C ALA A 557 -24.89 9.49 27.20
N ARG A 558 -23.67 9.45 26.66
CA ARG A 558 -22.50 9.16 27.48
C ARG A 558 -22.29 10.24 28.53
N ALA A 559 -22.44 11.51 28.14
CA ALA A 559 -22.26 12.60 29.10
C ALA A 559 -23.29 12.53 30.22
N VAL A 560 -24.53 12.20 29.87
CA VAL A 560 -25.58 12.09 30.90
C VAL A 560 -25.31 10.90 31.80
N TYR A 561 -24.94 9.75 31.23
CA TYR A 561 -24.67 8.57 32.03
C TYR A 561 -23.47 8.76 32.95
N GLN A 562 -22.51 9.59 32.55
CA GLN A 562 -21.35 9.84 33.40
C GLN A 562 -21.76 10.47 34.73
N ASP A 563 -22.86 11.23 34.74
CA ASP A 563 -23.45 11.80 35.96
C ASP A 563 -22.43 12.66 36.71
N ALA A 564 -22.01 13.74 36.05
CA ALA A 564 -21.06 14.67 36.64
C ALA A 564 -21.77 15.79 37.38
N ASP A 565 -21.01 16.52 38.19
CA ASP A 565 -21.57 17.63 38.96
C ASP A 565 -21.82 18.86 38.09
N ILE A 566 -20.99 19.08 37.08
CA ILE A 566 -21.09 20.24 36.19
C ILE A 566 -21.31 19.74 34.78
N TYR A 567 -22.34 20.27 34.12
CA TYR A 567 -22.68 19.88 32.76
C TYR A 567 -22.44 21.05 31.81
N LEU A 568 -21.68 20.81 30.75
CA LEU A 568 -21.40 21.81 29.73
C LEU A 568 -21.80 21.24 28.38
N LEU A 569 -22.66 21.96 27.66
CA LEU A 569 -23.15 21.53 26.35
C LEU A 569 -22.80 22.59 25.32
N ASP A 570 -22.34 22.16 24.15
CA ASP A 570 -21.94 23.06 23.07
C ASP A 570 -22.56 22.58 21.78
N ASP A 571 -23.44 23.41 21.20
CA ASP A 571 -24.06 23.15 19.91
C ASP A 571 -24.71 21.76 19.84
N PRO A 572 -25.68 21.46 20.72
CA PRO A 572 -26.25 20.11 20.75
C PRO A 572 -27.29 19.85 19.68
N LEU A 573 -28.08 20.88 19.34
CA LEU A 573 -29.26 20.70 18.51
C LEU A 573 -29.12 21.29 17.11
N SER A 574 -27.91 21.67 16.71
CA SER A 574 -27.74 22.28 15.39
C SER A 574 -27.79 21.25 14.26
N ALA A 575 -27.25 20.05 14.50
CA ALA A 575 -27.10 19.05 13.46
C ALA A 575 -28.24 18.03 13.42
N VAL A 576 -29.27 18.21 14.25
CA VAL A 576 -30.36 17.24 14.31
C VAL A 576 -31.65 17.89 13.82
N ASP A 577 -32.72 17.09 13.77
CA ASP A 577 -34.02 17.58 13.31
C ASP A 577 -34.69 18.39 14.41
N ALA A 578 -35.98 18.70 14.23
CA ALA A 578 -36.70 19.53 15.17
C ALA A 578 -37.29 18.74 16.33
N GLU A 579 -38.00 17.65 16.03
CA GLU A 579 -38.66 16.88 17.08
C GLU A 579 -37.65 16.25 18.04
N VAL A 580 -36.58 15.66 17.49
CA VAL A 580 -35.56 15.04 18.33
C VAL A 580 -34.86 16.09 19.17
N SER A 581 -34.54 17.24 18.58
CA SER A 581 -33.88 18.30 19.33
C SER A 581 -34.77 18.81 20.46
N ARG A 582 -36.06 18.99 20.20
CA ARG A 582 -36.97 19.44 21.24
C ARG A 582 -37.09 18.41 22.36
N HIS A 583 -37.22 17.13 21.98
CA HIS A 583 -37.33 16.07 22.99
C HIS A 583 -36.08 16.03 23.87
N LEU A 584 -34.90 16.11 23.24
CA LEU A 584 -33.67 16.19 24.01
C LEU A 584 -33.69 17.40 24.95
N PHE A 585 -33.80 18.60 24.38
CA PHE A 585 -33.70 19.84 25.15
C PHE A 585 -34.68 19.88 26.31
N GLU A 586 -35.84 19.25 26.16
CA GLU A 586 -36.79 19.21 27.28
C GLU A 586 -36.42 18.09 28.27
N LEU A 587 -36.55 16.83 27.83
CA LEU A 587 -36.59 15.71 28.76
C LEU A 587 -35.22 15.19 29.16
N CYS A 588 -34.14 15.70 28.58
CA CYS A 588 -32.79 15.32 29.01
C CYS A 588 -32.04 16.46 29.66
N ILE A 589 -32.58 17.68 29.61
CA ILE A 589 -31.96 18.86 30.21
C ILE A 589 -32.83 19.44 31.31
N CYS A 590 -34.04 19.91 30.97
CA CYS A 590 -34.81 20.71 31.91
C CYS A 590 -35.25 19.90 33.13
N GLN A 591 -35.30 18.57 33.00
CA GLN A 591 -35.66 17.70 34.11
C GLN A 591 -34.46 16.95 34.69
N ILE A 592 -33.64 16.35 33.82
CA ILE A 592 -32.50 15.56 34.30
C ILE A 592 -31.44 16.46 34.91
N LEU A 593 -31.09 17.55 34.23
CA LEU A 593 -30.01 18.41 34.66
C LEU A 593 -30.47 19.54 35.57
N HIS A 594 -31.70 19.46 36.08
CA HIS A 594 -32.21 20.48 36.98
C HIS A 594 -31.54 20.47 38.35
N GLU A 595 -30.76 19.42 38.66
CA GLU A 595 -30.03 19.34 39.91
C GLU A 595 -28.52 19.33 39.69
N LYS A 596 -28.06 19.80 38.54
CA LYS A 596 -26.65 19.82 38.20
C LYS A 596 -26.26 21.20 37.69
N ILE A 597 -24.99 21.56 37.89
CA ILE A 597 -24.47 22.81 37.37
C ILE A 597 -24.43 22.72 35.85
N THR A 598 -25.14 23.63 35.18
CA THR A 598 -25.33 23.56 33.74
C THR A 598 -24.94 24.88 33.09
N ILE A 599 -24.12 24.80 32.05
CA ILE A 599 -23.82 25.92 31.17
C ILE A 599 -24.05 25.45 29.74
N LEU A 600 -24.87 26.17 29.00
CA LEU A 600 -25.33 25.74 27.69
C LEU A 600 -24.96 26.76 26.61
N VAL A 601 -24.48 26.25 25.48
CA VAL A 601 -24.25 27.05 24.28
C VAL A 601 -25.24 26.59 23.23
N THR A 602 -26.09 27.52 22.79
CA THR A 602 -27.18 27.20 21.87
C THR A 602 -27.18 28.19 20.71
N HIS A 603 -27.63 27.71 19.55
CA HIS A 603 -27.73 28.54 18.35
C HIS A 603 -29.16 28.72 17.86
N GLN A 604 -30.13 28.01 18.43
CA GLN A 604 -31.53 28.16 18.03
C GLN A 604 -32.28 29.03 19.02
N GLY A 708 -0.95 -20.56 -9.67
CA GLY A 708 -1.07 -21.78 -10.45
C GLY A 708 0.09 -22.00 -11.40
N PHE A 709 -0.24 -22.38 -12.63
CA PHE A 709 0.77 -22.56 -13.68
C PHE A 709 0.48 -21.76 -14.94
N GLN A 710 -0.79 -21.56 -15.29
CA GLN A 710 -1.12 -20.71 -16.42
C GLN A 710 -0.66 -19.28 -16.20
N ALA A 711 -0.67 -18.81 -14.94
CA ALA A 711 -0.18 -17.48 -14.64
C ALA A 711 1.29 -17.34 -15.00
N TYR A 712 2.11 -18.31 -14.57
CA TYR A 712 3.53 -18.28 -14.92
C TYR A 712 3.72 -18.39 -16.44
N LYS A 713 2.96 -19.29 -17.08
CA LYS A 713 3.12 -19.47 -18.51
C LYS A 713 2.81 -18.20 -19.28
N ASN A 714 1.71 -17.53 -18.93
CA ASN A 714 1.35 -16.29 -19.61
C ASN A 714 2.32 -15.15 -19.28
N TYR A 715 2.76 -15.05 -18.02
CA TYR A 715 3.72 -14.01 -17.65
C TYR A 715 5.01 -14.16 -18.45
N PHE A 716 5.49 -15.40 -18.62
CA PHE A 716 6.72 -15.60 -19.38
C PHE A 716 6.50 -15.47 -20.88
N ARG A 717 5.32 -15.87 -21.38
CA ARG A 717 5.07 -15.77 -22.82
C ARG A 717 4.88 -14.33 -23.25
N ALA A 718 4.38 -13.47 -22.36
CA ALA A 718 4.24 -12.05 -22.70
C ALA A 718 5.61 -11.41 -22.92
N GLY A 719 6.65 -11.95 -22.28
CA GLY A 719 7.96 -11.33 -22.38
C GLY A 719 8.62 -11.54 -23.73
N ALA A 720 8.80 -12.79 -24.13
CA ALA A 720 9.53 -13.10 -25.35
C ALA A 720 9.14 -14.48 -25.84
N HIS A 721 9.56 -14.79 -27.06
CA HIS A 721 9.30 -16.09 -27.66
C HIS A 721 9.98 -17.20 -26.85
N TRP A 722 9.53 -18.43 -27.06
CA TRP A 722 10.04 -19.56 -26.29
C TRP A 722 11.50 -19.89 -26.63
N ILE A 723 11.96 -19.51 -27.81
CA ILE A 723 13.37 -19.69 -28.16
C ILE A 723 14.24 -18.85 -27.22
N VAL A 724 13.79 -17.64 -26.90
CA VAL A 724 14.49 -16.80 -25.93
C VAL A 724 14.51 -17.49 -24.56
N PHE A 725 13.42 -18.16 -24.20
CA PHE A 725 13.39 -18.91 -22.94
C PHE A 725 14.41 -20.04 -22.93
N ILE A 726 14.52 -20.77 -24.04
CA ILE A 726 15.51 -21.84 -24.13
C ILE A 726 16.92 -21.28 -24.01
N PHE A 727 17.18 -20.17 -24.71
CA PHE A 727 18.50 -19.54 -24.63
C PHE A 727 18.80 -19.06 -23.22
N LEU A 728 17.79 -18.54 -22.52
CA LEU A 728 17.98 -18.10 -21.13
C LEU A 728 18.32 -19.28 -20.22
N ILE A 729 17.63 -20.40 -20.41
CA ILE A 729 17.93 -21.60 -19.61
C ILE A 729 19.37 -22.04 -19.87
N LEU A 730 19.77 -22.06 -21.14
CA LEU A 730 21.14 -22.45 -21.48
C LEU A 730 22.16 -21.49 -20.86
N LEU A 731 21.86 -20.18 -20.88
CA LEU A 731 22.77 -19.20 -20.31
C LEU A 731 22.94 -19.39 -18.80
N ASN A 732 21.83 -19.60 -18.08
CA ASN A 732 21.93 -19.83 -16.64
C ASN A 732 22.71 -21.10 -16.34
N THR A 733 22.44 -22.17 -17.09
CA THR A 733 23.15 -23.43 -16.88
C THR A 733 24.64 -23.25 -17.12
N ALA A 734 25.02 -22.55 -18.19
CA ALA A 734 26.43 -22.33 -18.48
C ALA A 734 27.10 -21.49 -17.42
N ALA A 735 26.40 -20.47 -16.91
CA ALA A 735 26.97 -19.64 -15.85
C ALA A 735 27.28 -20.47 -14.61
N GLN A 736 26.32 -21.28 -14.17
CA GLN A 736 26.56 -22.09 -12.98
C GLN A 736 27.62 -23.15 -13.23
N VAL A 737 27.64 -23.72 -14.44
CA VAL A 737 28.64 -24.74 -14.76
C VAL A 737 30.04 -24.16 -14.70
N ALA A 738 30.24 -22.97 -15.27
CA ALA A 738 31.55 -22.33 -15.20
C ALA A 738 31.92 -21.97 -13.77
N TYR A 739 30.95 -21.47 -13.00
CA TYR A 739 31.19 -21.13 -11.60
C TYR A 739 31.72 -22.32 -10.83
N VAL A 740 31.14 -23.50 -11.06
CA VAL A 740 31.63 -24.68 -10.34
C VAL A 740 32.91 -25.23 -10.97
N LEU A 741 33.06 -25.09 -12.29
CA LEU A 741 34.23 -25.65 -12.96
C LEU A 741 35.50 -24.92 -12.59
N GLN A 742 35.41 -23.65 -12.20
CA GLN A 742 36.62 -22.97 -11.71
C GLN A 742 37.17 -23.64 -10.45
N ASP A 743 36.29 -23.91 -9.48
CA ASP A 743 36.72 -24.61 -8.27
C ASP A 743 37.20 -26.02 -8.60
N TRP A 744 36.51 -26.72 -9.50
CA TRP A 744 36.98 -28.04 -9.88
C TRP A 744 38.36 -27.96 -10.53
N TRP A 745 38.64 -26.91 -11.29
CA TRP A 745 39.97 -26.74 -11.87
C TRP A 745 41.01 -26.52 -10.79
N LEU A 746 40.67 -25.76 -9.75
CA LEU A 746 41.60 -25.64 -8.63
C LEU A 746 41.89 -27.00 -8.00
N SER A 747 40.84 -27.81 -7.83
CA SER A 747 41.03 -29.15 -7.25
C SER A 747 41.90 -30.03 -8.15
N TYR A 748 41.66 -29.97 -9.47
CA TYR A 748 42.45 -30.75 -10.42
C TYR A 748 43.90 -30.30 -10.44
N TRP A 749 44.14 -28.99 -10.35
CA TRP A 749 45.49 -28.46 -10.24
C TRP A 749 46.17 -29.02 -9.00
N ALA A 750 45.46 -29.01 -7.87
CA ALA A 750 46.04 -29.53 -6.63
C ALA A 750 46.39 -31.01 -6.77
N ASN A 751 45.47 -31.80 -7.35
CA ASN A 751 45.72 -33.23 -7.50
C ASN A 751 46.92 -33.49 -8.41
N LYS A 752 47.01 -32.77 -9.54
CA LYS A 752 48.10 -32.99 -10.47
C LYS A 752 49.44 -32.54 -9.88
N GLN A 753 49.44 -31.46 -9.08
CA GLN A 753 50.65 -31.07 -8.39
C GLN A 753 51.06 -32.12 -7.35
N SER A 754 50.09 -32.67 -6.63
CA SER A 754 50.40 -33.69 -5.63
C SER A 754 50.99 -34.94 -6.27
N MET A 755 50.42 -35.37 -7.39
CA MET A 755 50.92 -36.56 -8.09
C MET A 755 52.10 -36.18 -9.01
N LEU A 756 53.17 -35.73 -8.38
CA LEU A 756 54.37 -35.30 -9.10
C LEU A 756 55.60 -35.87 -8.42
N ASN A 757 56.62 -36.14 -9.24
CA ASN A 757 57.91 -36.72 -8.81
C ASN A 757 57.81 -37.75 -7.70
N THR A 767 63.99 -31.45 -10.66
CA THR A 767 62.61 -31.81 -10.33
C THR A 767 61.65 -31.33 -11.41
N GLU A 768 60.63 -32.13 -11.70
CA GLU A 768 59.64 -31.76 -12.70
C GLU A 768 58.73 -30.65 -12.17
N LYS A 769 58.35 -29.74 -13.06
CA LYS A 769 57.49 -28.62 -12.73
C LYS A 769 56.20 -28.68 -13.54
N LEU A 770 55.27 -27.81 -13.17
CA LEU A 770 53.97 -27.73 -13.83
C LEU A 770 53.95 -26.56 -14.81
N ASP A 771 53.15 -26.69 -15.86
CA ASP A 771 53.06 -25.65 -16.89
C ASP A 771 52.23 -24.50 -16.37
N LEU A 772 52.91 -23.51 -15.80
CA LEU A 772 52.23 -22.37 -15.19
C LEU A 772 51.41 -21.61 -16.21
N ASN A 773 51.96 -21.40 -17.41
CA ASN A 773 51.24 -20.70 -18.46
C ASN A 773 49.91 -21.38 -18.75
N TRP A 774 49.95 -22.70 -18.98
CA TRP A 774 48.75 -23.45 -19.28
C TRP A 774 47.73 -23.38 -18.14
N TYR A 775 48.16 -23.70 -16.92
CA TYR A 775 47.21 -23.76 -15.81
C TYR A 775 46.62 -22.40 -15.51
N LEU A 776 47.44 -21.35 -15.47
CA LEU A 776 46.93 -20.01 -15.19
C LEU A 776 46.06 -19.49 -16.33
N GLY A 777 46.38 -19.83 -17.59
CA GLY A 777 45.53 -19.44 -18.69
C GLY A 777 44.15 -20.05 -18.60
N ILE A 778 44.08 -21.34 -18.29
CA ILE A 778 42.78 -22.00 -18.17
C ILE A 778 42.01 -21.44 -16.98
N TYR A 779 42.72 -21.17 -15.88
CA TYR A 779 42.09 -20.56 -14.71
C TYR A 779 41.48 -19.21 -15.03
N SER A 780 42.24 -18.35 -15.72
CA SER A 780 41.74 -17.03 -16.09
C SER A 780 40.58 -17.13 -17.07
N GLY A 781 40.66 -18.06 -18.03
CA GLY A 781 39.55 -18.25 -18.95
C GLY A 781 38.27 -18.66 -18.25
N LEU A 782 38.39 -19.58 -17.28
CA LEU A 782 37.20 -19.98 -16.52
C LEU A 782 36.63 -18.81 -15.72
N THR A 783 37.49 -18.01 -15.11
CA THR A 783 37.00 -16.85 -14.34
C THR A 783 36.29 -15.85 -15.24
N VAL A 784 36.88 -15.55 -16.41
CA VAL A 784 36.28 -14.61 -17.34
C VAL A 784 34.94 -15.14 -17.84
N ALA A 785 34.88 -16.43 -18.15
CA ALA A 785 33.62 -17.03 -18.59
C ALA A 785 32.55 -16.93 -17.51
N THR A 786 32.92 -17.20 -16.26
CA THR A 786 31.98 -17.07 -15.16
C THR A 786 31.40 -15.65 -15.09
N VAL A 787 32.29 -14.65 -15.12
CA VAL A 787 31.84 -13.27 -14.98
C VAL A 787 30.92 -12.88 -16.14
N LEU A 788 31.34 -13.20 -17.37
CA LEU A 788 30.57 -12.81 -18.54
C LEU A 788 29.22 -13.50 -18.58
N PHE A 789 29.18 -14.80 -18.26
CA PHE A 789 27.92 -15.53 -18.27
C PHE A 789 26.97 -15.03 -17.19
N GLY A 790 27.50 -14.67 -16.01
CA GLY A 790 26.65 -14.08 -14.99
C GLY A 790 26.05 -12.76 -15.44
N ILE A 791 26.86 -11.90 -16.04
CA ILE A 791 26.36 -10.62 -16.54
C ILE A 791 25.27 -10.84 -17.59
N ALA A 792 25.52 -11.75 -18.53
CA ALA A 792 24.55 -12.01 -19.58
C ALA A 792 23.25 -12.56 -19.02
N ARG A 793 23.33 -13.50 -18.07
CA ARG A 793 22.12 -14.06 -17.47
C ARG A 793 21.30 -12.97 -16.79
N SER A 794 21.97 -12.09 -16.03
CA SER A 794 21.23 -11.05 -15.30
C SER A 794 20.56 -10.09 -16.27
N LEU A 795 21.30 -9.62 -17.28
CA LEU A 795 20.74 -8.66 -18.22
C LEU A 795 19.58 -9.27 -19.00
N LEU A 796 19.73 -10.52 -19.45
CA LEU A 796 18.65 -11.14 -20.23
C LEU A 796 17.41 -11.36 -19.39
N VAL A 797 17.57 -11.83 -18.15
CA VAL A 797 16.40 -12.04 -17.29
C VAL A 797 15.67 -10.72 -17.06
N PHE A 798 16.42 -9.67 -16.72
CA PHE A 798 15.80 -8.38 -16.45
C PHE A 798 15.08 -7.85 -17.68
N TYR A 799 15.73 -7.93 -18.84
CA TYR A 799 15.12 -7.42 -20.07
C TYR A 799 13.84 -8.17 -20.40
N VAL A 800 13.86 -9.50 -20.30
CA VAL A 800 12.68 -10.29 -20.67
C VAL A 800 11.52 -9.98 -19.72
N LEU A 801 11.79 -9.89 -18.41
CA LEU A 801 10.70 -9.68 -17.47
C LEU A 801 10.16 -8.26 -17.57
N VAL A 802 11.03 -7.27 -17.83
CA VAL A 802 10.54 -5.90 -17.98
C VAL A 802 9.72 -5.77 -19.26
N ASN A 803 10.13 -6.45 -20.33
CA ASN A 803 9.34 -6.45 -21.55
C ASN A 803 7.98 -7.11 -21.32
N SER A 804 7.95 -8.17 -20.52
CA SER A 804 6.67 -8.79 -20.18
C SER A 804 5.77 -7.81 -19.44
N SER A 805 6.33 -7.08 -18.47
CA SER A 805 5.54 -6.09 -17.74
C SER A 805 5.00 -5.01 -18.68
N GLN A 806 5.86 -4.53 -19.60
CA GLN A 806 5.43 -3.48 -20.53
C GLN A 806 4.30 -3.97 -21.43
N THR A 807 4.43 -5.18 -21.98
CA THR A 807 3.39 -5.72 -22.84
C THR A 807 2.08 -5.91 -22.07
N LEU A 808 2.18 -6.42 -20.84
CA LEU A 808 0.98 -6.61 -20.04
C LEU A 808 0.29 -5.28 -19.75
N HIS A 809 1.06 -4.24 -19.41
CA HIS A 809 0.46 -2.94 -19.16
C HIS A 809 -0.21 -2.39 -20.40
N ASN A 810 0.45 -2.50 -21.55
CA ASN A 810 -0.14 -2.00 -22.80
C ASN A 810 -1.45 -2.70 -23.10
N LYS A 811 -1.46 -4.03 -22.98
CA LYS A 811 -2.68 -4.78 -23.28
C LYS A 811 -3.79 -4.45 -22.29
N MET A 812 -3.45 -4.33 -21.00
CA MET A 812 -4.46 -4.01 -20.00
C MET A 812 -5.07 -2.64 -20.23
N PHE A 813 -4.23 -1.64 -20.53
CA PHE A 813 -4.74 -0.30 -20.77
C PHE A 813 -5.61 -0.25 -22.01
N GLU A 814 -5.18 -0.94 -23.08
CA GLU A 814 -5.99 -0.97 -24.30
C GLU A 814 -7.33 -1.65 -24.05
N SER A 815 -7.33 -2.71 -23.23
CA SER A 815 -8.58 -3.39 -22.93
C SER A 815 -9.51 -2.55 -22.08
N ILE A 816 -8.97 -1.84 -21.08
CA ILE A 816 -9.82 -1.06 -20.19
C ILE A 816 -10.33 0.21 -20.88
N LEU A 817 -9.59 0.75 -21.85
CA LEU A 817 -10.10 1.89 -22.59
C LEU A 817 -11.34 1.56 -23.41
N LYS A 818 -11.54 0.29 -23.76
CA LYS A 818 -12.66 -0.13 -24.58
C LYS A 818 -13.75 -0.85 -23.79
N ALA A 819 -13.56 -1.03 -22.49
CA ALA A 819 -14.58 -1.70 -21.68
C ALA A 819 -15.83 -0.83 -21.58
N PRO A 820 -17.01 -1.42 -21.54
CA PRO A 820 -18.24 -0.63 -21.49
C PRO A 820 -18.42 0.05 -20.14
N VAL A 821 -19.35 1.00 -20.11
CA VAL A 821 -19.60 1.79 -18.91
C VAL A 821 -20.13 0.95 -17.76
N LEU A 822 -20.70 -0.23 -18.06
CA LEU A 822 -21.18 -1.10 -17.00
C LEU A 822 -20.04 -1.59 -16.12
N PHE A 823 -18.88 -1.86 -16.73
CA PHE A 823 -17.71 -2.29 -15.97
C PHE A 823 -17.27 -1.21 -14.99
N PHE A 824 -17.23 0.04 -15.43
CA PHE A 824 -16.85 1.14 -14.55
C PHE A 824 -17.92 1.42 -13.50
N ASP A 825 -19.19 1.17 -13.84
CA ASP A 825 -20.25 1.30 -12.84
C ASP A 825 -20.10 0.27 -11.73
N ARG A 826 -19.81 -0.98 -12.12
CA ARG A 826 -19.66 -2.05 -11.12
C ARG A 826 -18.39 -1.87 -10.30
N ASN A 827 -17.30 -1.43 -10.92
CA ASN A 827 -16.10 -1.40 -10.10
C ASN A 827 -15.81 0.01 -9.59
N PRO A 828 -15.37 0.14 -8.35
CA PRO A 828 -15.01 1.46 -7.82
C PRO A 828 -13.74 2.00 -8.48
N ILE A 829 -13.60 3.31 -8.44
CA ILE A 829 -12.46 3.98 -9.07
C ILE A 829 -11.16 3.56 -8.41
N GLY A 830 -11.16 3.48 -7.08
CA GLY A 830 -9.96 3.07 -6.37
C GLY A 830 -9.51 1.67 -6.72
N ARG A 831 -10.47 0.74 -6.83
CA ARG A 831 -10.13 -0.63 -7.22
C ARG A 831 -9.53 -0.67 -8.62
N ILE A 832 -10.08 0.15 -9.53
CA ILE A 832 -9.54 0.22 -10.89
C ILE A 832 -8.11 0.76 -10.88
N LEU A 833 -7.88 1.82 -10.12
CA LEU A 833 -6.56 2.44 -10.10
C LEU A 833 -5.53 1.62 -9.34
N ASN A 834 -5.98 0.71 -8.47
CA ASN A 834 -5.03 -0.11 -7.73
C ASN A 834 -4.18 -0.98 -8.66
N ARG A 835 -4.77 -1.52 -9.72
CA ARG A 835 -4.04 -2.39 -10.63
C ARG A 835 -3.15 -1.63 -11.60
N PHE A 836 -3.31 -0.31 -11.72
CA PHE A 836 -2.39 0.51 -12.48
C PHE A 836 -1.33 1.18 -11.62
N SER A 837 -1.57 1.27 -10.30
CA SER A 837 -0.62 1.89 -9.39
C SER A 837 0.29 0.89 -8.68
N LYS A 838 -0.30 -0.17 -8.11
CA LYS A 838 0.41 -1.09 -7.23
C LYS A 838 0.85 -2.36 -7.94
N ASP A 839 -0.05 -3.00 -8.70
CA ASP A 839 0.31 -4.25 -9.38
C ASP A 839 1.35 -4.01 -10.46
N ILE A 840 1.14 -2.99 -11.30
CA ILE A 840 2.13 -2.62 -12.30
C ILE A 840 3.40 -2.14 -11.63
N GLY A 841 3.27 -1.46 -10.49
CA GLY A 841 4.46 -1.07 -9.74
C GLY A 841 5.30 -2.25 -9.31
N HIS A 842 4.65 -3.33 -8.87
CA HIS A 842 5.39 -4.55 -8.55
C HIS A 842 6.03 -5.14 -9.80
N LEU A 843 5.23 -5.30 -10.87
CA LEU A 843 5.72 -5.95 -12.08
C LEU A 843 6.89 -5.19 -12.70
N ASP A 844 6.97 -3.88 -12.46
CA ASP A 844 7.97 -3.06 -13.14
C ASP A 844 9.32 -3.10 -12.43
N ASP A 845 9.33 -3.15 -11.09
CA ASP A 845 10.57 -2.92 -10.37
C ASP A 845 10.82 -3.85 -9.20
N LEU A 846 9.98 -4.85 -8.96
CA LEU A 846 10.32 -5.73 -7.84
C LEU A 846 10.26 -7.20 -8.21
N LEU A 847 9.29 -7.62 -9.03
CA LEU A 847 9.20 -9.02 -9.40
C LEU A 847 10.40 -9.49 -10.21
N PRO A 848 10.89 -8.77 -11.22
CA PRO A 848 12.09 -9.25 -11.92
C PRO A 848 13.30 -9.42 -11.01
N LEU A 849 13.49 -8.49 -10.07
CA LEU A 849 14.61 -8.59 -9.14
C LEU A 849 14.47 -9.82 -8.25
N THR A 850 13.27 -10.03 -7.69
CA THR A 850 13.05 -11.19 -6.84
C THR A 850 13.21 -12.49 -7.62
N PHE A 851 12.71 -12.53 -8.85
CA PHE A 851 12.82 -13.74 -9.67
C PHE A 851 14.28 -14.05 -9.99
N LEU A 852 15.06 -13.04 -10.37
CA LEU A 852 16.46 -13.30 -10.67
C LEU A 852 17.23 -13.75 -9.44
N ASP A 853 16.96 -13.13 -8.29
CA ASP A 853 17.61 -13.56 -7.05
C ASP A 853 17.27 -15.00 -6.72
N PHE A 854 16.00 -15.37 -6.83
CA PHE A 854 15.58 -16.74 -6.53
C PHE A 854 16.24 -17.73 -7.49
N ILE A 855 16.28 -17.41 -8.78
CA ILE A 855 16.90 -18.31 -9.75
C ILE A 855 18.39 -18.48 -9.45
N GLN A 856 19.07 -17.38 -9.14
CA GLN A 856 20.49 -17.44 -8.80
C GLN A 856 20.73 -18.36 -7.60
N THR A 857 19.99 -18.13 -6.51
CA THR A 857 20.21 -18.92 -5.31
C THR A 857 19.85 -20.39 -5.53
N LEU A 858 18.76 -20.65 -6.25
CA LEU A 858 18.37 -22.04 -6.51
C LEU A 858 19.42 -22.77 -7.33
N LEU A 859 19.97 -22.10 -8.36
CA LEU A 859 21.01 -22.75 -9.15
C LEU A 859 22.28 -22.96 -8.34
N GLN A 860 22.62 -22.05 -7.42
CA GLN A 860 23.77 -22.28 -6.56
C GLN A 860 23.56 -23.49 -5.65
N VAL A 861 22.35 -23.63 -5.10
CA VAL A 861 22.05 -24.80 -4.25
C VAL A 861 22.13 -26.08 -5.08
N VAL A 862 21.59 -26.05 -6.30
CA VAL A 862 21.67 -27.22 -7.17
C VAL A 862 23.12 -27.56 -7.49
N GLY A 863 23.96 -26.54 -7.68
CA GLY A 863 25.37 -26.78 -7.93
C GLY A 863 26.07 -27.44 -6.76
N VAL A 864 25.78 -26.97 -5.53
CA VAL A 864 26.38 -27.57 -4.34
C VAL A 864 25.96 -29.04 -4.24
N VAL A 865 24.66 -29.31 -4.41
CA VAL A 865 24.17 -30.67 -4.31
C VAL A 865 24.77 -31.55 -5.40
N SER A 866 24.92 -31.00 -6.61
CA SER A 866 25.49 -31.76 -7.71
C SER A 866 26.95 -32.11 -7.47
N VAL A 867 27.73 -31.16 -6.91
CA VAL A 867 29.12 -31.46 -6.57
C VAL A 867 29.18 -32.58 -5.53
N ALA A 868 28.36 -32.47 -4.49
CA ALA A 868 28.37 -33.49 -3.44
C ALA A 868 27.99 -34.86 -3.99
N VAL A 869 27.01 -34.91 -4.88
CA VAL A 869 26.59 -36.20 -5.44
C VAL A 869 27.65 -36.74 -6.40
N ALA A 870 28.28 -35.87 -7.18
CA ALA A 870 29.28 -36.32 -8.15
C ALA A 870 30.51 -36.88 -7.45
N VAL A 871 30.93 -36.27 -6.34
CA VAL A 871 32.08 -36.80 -5.62
C VAL A 871 31.77 -38.16 -5.01
N ILE A 872 30.64 -38.26 -4.32
CA ILE A 872 30.19 -39.49 -3.68
C ILE A 872 28.82 -39.83 -4.24
N PRO A 873 28.73 -40.80 -5.16
CA PRO A 873 27.43 -41.12 -5.78
C PRO A 873 26.39 -41.65 -4.79
N TRP A 874 26.81 -42.22 -3.66
CA TRP A 874 25.86 -42.80 -2.72
C TRP A 874 25.05 -41.74 -1.98
N ILE A 875 25.46 -40.47 -2.02
CA ILE A 875 24.70 -39.42 -1.34
C ILE A 875 23.33 -39.21 -1.96
N ALA A 876 23.11 -39.72 -3.17
CA ALA A 876 21.80 -39.61 -3.81
C ALA A 876 20.72 -40.44 -3.12
N ILE A 877 21.10 -41.36 -2.23
CA ILE A 877 20.13 -42.22 -1.57
C ILE A 877 19.39 -41.46 -0.45
N PRO A 878 20.06 -40.82 0.52
CA PRO A 878 19.30 -40.06 1.53
C PRO A 878 18.67 -38.79 0.98
N LEU A 879 19.07 -38.35 -0.21
CA LEU A 879 18.53 -37.12 -0.78
C LEU A 879 17.05 -37.22 -1.09
N VAL A 880 16.56 -38.38 -1.53
CA VAL A 880 15.14 -38.55 -1.81
C VAL A 880 14.32 -38.39 -0.54
N PRO A 881 14.64 -39.07 0.57
CA PRO A 881 13.92 -38.78 1.82
C PRO A 881 14.08 -37.34 2.28
N LEU A 882 15.27 -36.76 2.14
CA LEU A 882 15.48 -35.38 2.56
C LEU A 882 14.68 -34.38 1.73
N GLY A 883 14.36 -34.72 0.48
CA GLY A 883 13.54 -33.86 -0.35
C GLY A 883 12.06 -34.05 -0.11
N ILE A 884 11.65 -35.30 0.11
CA ILE A 884 10.25 -35.55 0.45
C ILE A 884 9.89 -34.88 1.78
N ILE A 885 10.78 -35.02 2.77
CA ILE A 885 10.56 -34.37 4.06
C ILE A 885 10.50 -32.87 3.90
N PHE A 886 11.37 -32.30 3.06
CA PHE A 886 11.35 -30.86 2.84
C PHE A 886 10.05 -30.40 2.21
N ILE A 887 9.56 -31.13 1.21
CA ILE A 887 8.31 -30.74 0.54
C ILE A 887 7.15 -30.78 1.51
N PHE A 888 7.04 -31.88 2.28
CA PHE A 888 5.93 -31.99 3.22
C PHE A 888 6.04 -30.95 4.33
N LEU A 889 7.26 -30.67 4.80
CA LEU A 889 7.46 -29.66 5.82
C LEU A 889 7.09 -28.27 5.30
N ARG A 890 7.44 -27.96 4.06
CA ARG A 890 7.08 -26.66 3.50
C ARG A 890 5.57 -26.52 3.38
N ARG A 891 4.88 -27.57 2.94
CA ARG A 891 3.42 -27.53 2.90
C ARG A 891 2.85 -27.30 4.30
N TYR A 892 3.36 -28.06 5.28
CA TYR A 892 2.86 -27.97 6.64
C TYR A 892 3.06 -26.57 7.22
N PHE A 893 4.23 -25.99 6.99
CA PHE A 893 4.50 -24.65 7.50
C PHE A 893 3.63 -23.61 6.81
N LEU A 894 3.59 -23.63 5.48
CA LEU A 894 2.82 -22.62 4.74
C LEU A 894 1.33 -22.72 5.01
N GLU A 895 0.84 -23.87 5.47
CA GLU A 895 -0.58 -23.93 5.84
C GLU A 895 -0.92 -23.10 7.07
N THR A 896 0.06 -22.67 7.85
CA THR A 896 -0.17 -21.89 9.07
C THR A 896 0.52 -20.54 9.06
N SER A 897 1.66 -20.41 8.39
CA SER A 897 2.36 -19.14 8.33
C SER A 897 1.52 -18.07 7.64
N ARG A 898 0.80 -18.46 6.58
CA ARG A 898 -0.05 -17.51 5.88
C ARG A 898 -1.25 -17.08 6.71
N ASP A 899 -1.74 -17.94 7.60
CA ASP A 899 -2.80 -17.53 8.52
C ASP A 899 -2.27 -16.64 9.64
N VAL A 900 -1.04 -16.90 10.12
CA VAL A 900 -0.43 -16.05 11.14
C VAL A 900 -0.06 -14.68 10.60
N LYS A 901 0.39 -14.59 9.35
CA LYS A 901 0.86 -13.33 8.79
C LYS A 901 -0.26 -12.30 8.67
N ARG A 902 -1.51 -12.74 8.50
CA ARG A 902 -2.64 -11.82 8.41
C ARG A 902 -3.16 -11.38 9.78
N LEU A 903 -3.00 -12.21 10.81
CA LEU A 903 -3.43 -11.81 12.14
C LEU A 903 -2.64 -10.60 12.64
N GLU A 904 -1.32 -10.61 12.44
CA GLU A 904 -0.47 -9.48 12.84
C GLU A 904 -0.68 -8.25 11.97
N SER A 905 -1.38 -8.38 10.84
CA SER A 905 -1.73 -7.25 10.00
C SER A 905 -3.09 -6.65 10.36
N THR A 906 -4.07 -7.49 10.68
CA THR A 906 -5.37 -6.98 11.10
C THR A 906 -5.44 -6.64 12.59
N THR A 907 -4.42 -6.99 13.37
CA THR A 907 -4.38 -6.56 14.77
C THR A 907 -3.56 -5.30 14.97
N ARG A 908 -2.86 -4.82 13.94
CA ARG A 908 -2.02 -3.62 14.09
C ARG A 908 -2.83 -2.34 13.96
N SER A 909 -3.86 -2.33 13.12
CA SER A 909 -4.65 -1.12 12.84
C SER A 909 -5.42 -0.56 14.03
N PRO A 910 -5.94 -1.38 14.96
CA PRO A 910 -6.62 -0.78 16.12
C PRO A 910 -5.75 0.16 16.94
N VAL A 911 -4.44 -0.07 16.98
CA VAL A 911 -3.55 0.83 17.71
C VAL A 911 -3.60 2.22 17.11
N PHE A 912 -3.45 2.32 15.79
CA PHE A 912 -3.50 3.62 15.12
C PHE A 912 -4.89 4.23 15.21
N SER A 913 -5.94 3.40 15.12
CA SER A 913 -7.29 3.92 15.25
C SER A 913 -7.52 4.55 16.62
N HIS A 914 -7.09 3.86 17.68
CA HIS A 914 -7.24 4.42 19.03
C HIS A 914 -6.40 5.67 19.20
N LEU A 915 -5.19 5.69 18.64
CA LEU A 915 -4.36 6.89 18.70
C LEU A 915 -5.07 8.08 18.05
N SER A 916 -5.58 7.89 16.84
CA SER A 916 -6.26 8.97 16.13
C SER A 916 -7.50 9.43 16.89
N SER A 917 -8.29 8.49 17.40
CA SER A 917 -9.50 8.86 18.11
C SER A 917 -9.19 9.63 19.39
N SER A 918 -8.18 9.18 20.14
CA SER A 918 -7.82 9.87 21.37
C SER A 918 -7.25 11.24 21.09
N LEU A 919 -6.48 11.39 20.01
CA LEU A 919 -6.00 12.72 19.63
C LEU A 919 -7.16 13.63 19.24
N GLN A 920 -8.13 13.12 18.48
CA GLN A 920 -9.25 13.94 18.05
C GLN A 920 -10.11 14.38 19.23
N GLY A 921 -10.46 13.44 20.13
CA GLY A 921 -11.29 13.77 21.26
C GLY A 921 -10.51 14.00 22.54
N LEU A 922 -9.33 14.63 22.42
CA LEU A 922 -8.46 14.82 23.58
C LEU A 922 -9.11 15.74 24.61
N TRP A 923 -9.78 16.79 24.15
CA TRP A 923 -10.45 17.70 25.09
C TRP A 923 -11.55 16.98 25.86
N THR A 924 -12.34 16.16 25.17
CA THR A 924 -13.38 15.38 25.85
C THR A 924 -12.77 14.39 26.82
N ILE A 925 -11.66 13.76 26.44
CA ILE A 925 -10.99 12.81 27.33
C ILE A 925 -10.54 13.51 28.61
N ARG A 926 -9.91 14.68 28.47
CA ARG A 926 -9.40 15.39 29.63
C ARG A 926 -10.49 16.10 30.42
N ALA A 927 -11.67 16.30 29.83
CA ALA A 927 -12.78 16.89 30.59
C ALA A 927 -13.12 16.05 31.81
N TYR A 928 -13.27 14.74 31.62
CA TYR A 928 -13.34 13.83 32.74
C TYR A 928 -11.95 13.42 33.18
N LYS A 929 -11.87 12.80 34.35
CA LYS A 929 -10.60 12.30 34.85
C LYS A 929 -10.24 10.93 34.30
N ALA A 930 -10.89 10.50 33.22
CA ALA A 930 -10.70 9.17 32.65
C ALA A 930 -9.67 9.23 31.53
N GLU A 931 -8.39 9.28 31.93
CA GLU A 931 -7.28 9.14 31.00
C GLU A 931 -6.45 7.90 31.27
N GLU A 932 -6.35 7.46 32.53
CA GLU A 932 -5.74 6.16 32.81
C GLU A 932 -6.52 5.01 32.20
N ARG A 933 -7.84 5.13 32.12
CA ARG A 933 -8.62 4.09 31.45
C ARG A 933 -8.31 4.03 29.96
N CYS A 934 -8.15 5.19 29.31
CA CYS A 934 -7.72 5.19 27.91
C CYS A 934 -6.31 4.65 27.75
N GLN A 935 -5.43 4.92 28.72
CA GLN A 935 -4.11 4.32 28.71
C GLN A 935 -4.19 2.80 28.79
N GLU A 936 -5.07 2.28 29.66
CA GLU A 936 -5.26 0.84 29.76
C GLU A 936 -5.83 0.25 28.47
N LEU A 937 -6.76 0.96 27.83
CA LEU A 937 -7.29 0.49 26.55
C LEU A 937 -6.20 0.43 25.49
N PHE A 938 -5.33 1.45 25.46
CA PHE A 938 -4.20 1.42 24.54
C PHE A 938 -3.26 0.27 24.86
N ASP A 939 -3.04 0.00 26.15
CA ASP A 939 -2.21 -1.13 26.54
C ASP A 939 -2.80 -2.44 26.04
N ALA A 940 -4.11 -2.61 26.17
CA ALA A 940 -4.76 -3.83 25.69
C ALA A 940 -4.65 -3.95 24.17
N HIS A 941 -4.82 -2.83 23.45
CA HIS A 941 -4.68 -2.86 22.00
C HIS A 941 -3.26 -3.24 21.58
N GLN A 942 -2.27 -2.71 22.28
CA GLN A 942 -0.88 -3.05 21.97
C GLN A 942 -0.55 -4.49 22.34
N ASP A 943 -1.14 -4.99 23.43
CA ASP A 943 -0.95 -6.39 23.81
C ASP A 943 -1.54 -7.33 22.77
N LEU A 944 -2.70 -6.99 22.22
CA LEU A 944 -3.32 -7.85 21.21
C LEU A 944 -2.47 -7.96 19.95
N HIS A 945 -1.63 -6.98 19.65
CA HIS A 945 -0.73 -7.05 18.50
C HIS A 945 0.61 -7.68 18.83
N SER A 946 1.14 -7.43 20.02
CA SER A 946 2.32 -8.17 20.47
C SER A 946 2.02 -9.64 20.70
N GLU A 947 0.73 -9.99 20.79
CA GLU A 947 0.28 -11.37 20.86
C GLU A 947 0.45 -12.11 19.54
N ALA A 948 0.33 -11.40 18.41
CA ALA A 948 0.54 -11.99 17.09
C ALA A 948 1.96 -11.82 16.58
N TRP A 949 2.65 -10.76 16.98
CA TRP A 949 4.07 -10.64 16.65
C TRP A 949 4.86 -11.80 17.27
N PHE A 950 4.47 -12.22 18.46
CA PHE A 950 5.10 -13.37 19.11
C PHE A 950 4.99 -14.63 18.24
N LEU A 951 3.79 -14.92 17.75
CA LEU A 951 3.61 -16.07 16.87
C LEU A 951 4.38 -15.89 15.57
N PHE A 952 4.40 -14.67 15.03
CA PHE A 952 5.13 -14.41 13.79
C PHE A 952 6.61 -14.74 13.95
N LEU A 953 7.19 -14.39 15.10
CA LEU A 953 8.59 -14.73 15.34
C LEU A 953 8.77 -16.24 15.56
N THR A 954 7.91 -16.84 16.39
CA THR A 954 8.15 -18.21 16.83
C THR A 954 7.90 -19.22 15.72
N THR A 955 6.91 -19.00 14.86
CA THR A 955 6.68 -19.92 13.75
C THR A 955 7.81 -19.87 12.73
N SER A 956 8.34 -18.67 12.48
CA SER A 956 9.50 -18.55 11.59
C SER A 956 10.69 -19.30 12.16
N ARG A 957 10.94 -19.16 13.47
CA ARG A 957 12.04 -19.91 14.07
C ARG A 957 11.76 -21.41 14.02
N TRP A 958 10.50 -21.82 14.18
CA TRP A 958 10.13 -23.23 14.10
C TRP A 958 10.49 -23.81 12.74
N PHE A 959 10.15 -23.10 11.66
CA PHE A 959 10.51 -23.56 10.33
C PHE A 959 12.02 -23.57 10.13
N ALA A 960 12.70 -22.52 10.59
CA ALA A 960 14.13 -22.41 10.36
C ALA A 960 14.91 -23.51 11.06
N VAL A 961 14.46 -23.92 12.25
CA VAL A 961 15.15 -24.98 12.97
C VAL A 961 15.17 -26.27 12.16
N ARG A 962 14.03 -26.63 11.57
CA ARG A 962 13.96 -27.89 10.83
C ARG A 962 14.70 -27.78 9.50
N LEU A 963 14.64 -26.62 8.84
CA LEU A 963 15.44 -26.43 7.63
C LEU A 963 16.92 -26.58 7.93
N ASP A 964 17.39 -25.98 9.03
CA ASP A 964 18.78 -26.12 9.43
C ASP A 964 19.11 -27.55 9.83
N ALA A 965 18.16 -28.28 10.41
CA ALA A 965 18.40 -29.68 10.72
C ALA A 965 18.63 -30.49 9.45
N ILE A 966 17.84 -30.24 8.40
CA ILE A 966 18.04 -30.94 7.13
C ILE A 966 19.41 -30.59 6.54
N CYS A 967 19.74 -29.29 6.53
CA CYS A 967 21.01 -28.87 5.94
C CYS A 967 22.19 -29.45 6.71
N ALA A 968 22.13 -29.44 8.04
CA ALA A 968 23.20 -30.01 8.85
C ALA A 968 23.30 -31.51 8.68
N MET A 969 22.18 -32.20 8.49
CA MET A 969 22.25 -33.62 8.18
C MET A 969 22.98 -33.86 6.87
N PHE A 970 22.71 -33.03 5.86
CA PHE A 970 23.43 -33.15 4.59
C PHE A 970 24.94 -32.93 4.79
N VAL A 971 25.29 -31.90 5.55
CA VAL A 971 26.71 -31.60 5.79
C VAL A 971 27.39 -32.75 6.54
N ILE A 972 26.72 -33.29 7.56
CA ILE A 972 27.28 -34.40 8.32
C ILE A 972 27.45 -35.62 7.43
N ILE A 973 26.46 -35.90 6.59
CA ILE A 973 26.55 -37.05 5.68
C ILE A 973 27.76 -36.91 4.78
N VAL A 974 27.97 -35.72 4.20
CA VAL A 974 29.13 -35.52 3.34
C VAL A 974 30.43 -35.72 4.14
N ALA A 975 30.53 -35.05 5.29
CA ALA A 975 31.79 -35.02 6.03
C ALA A 975 32.16 -36.39 6.60
N PHE A 976 31.17 -37.24 6.86
CA PHE A 976 31.47 -38.56 7.39
C PHE A 976 31.56 -39.64 6.33
N GLY A 977 30.77 -39.56 5.26
CA GLY A 977 30.95 -40.46 4.14
C GLY A 977 32.27 -40.28 3.43
N SER A 978 32.83 -39.06 3.46
CA SER A 978 34.17 -38.87 2.91
C SER A 978 35.19 -39.74 3.63
N LEU A 979 35.11 -39.81 4.95
CA LEU A 979 36.03 -40.65 5.72
C LEU A 979 35.69 -42.13 5.63
N ILE A 980 34.39 -42.46 5.54
CA ILE A 980 33.99 -43.86 5.42
C ILE A 980 34.50 -44.44 4.10
N LEU A 981 34.37 -43.70 3.01
CA LEU A 981 34.85 -44.12 1.70
C LEU A 981 36.19 -43.50 1.35
N ALA A 982 37.07 -43.32 2.34
CA ALA A 982 38.35 -42.66 2.14
C ALA A 982 39.31 -43.45 1.25
N LYS A 983 39.06 -44.74 1.01
CA LYS A 983 39.97 -45.54 0.21
C LYS A 983 39.89 -45.20 -1.27
N THR A 984 38.83 -44.52 -1.72
CA THR A 984 38.64 -44.22 -3.12
C THR A 984 38.68 -42.73 -3.44
N LEU A 985 38.64 -41.86 -2.44
CA LEU A 985 38.65 -40.42 -2.67
C LEU A 985 40.08 -39.87 -2.56
N ASP A 986 40.22 -38.58 -2.84
CA ASP A 986 41.50 -37.90 -2.68
C ASP A 986 41.25 -36.48 -2.18
N ALA A 987 42.36 -35.78 -1.93
CA ALA A 987 42.29 -34.50 -1.21
C ALA A 987 41.49 -33.46 -1.97
N GLY A 988 41.71 -33.35 -3.29
CA GLY A 988 41.01 -32.33 -4.06
C GLY A 988 39.51 -32.52 -4.05
N GLN A 989 39.06 -33.75 -4.32
CA GLN A 989 37.63 -34.03 -4.31
C GLN A 989 37.03 -33.81 -2.94
N VAL A 990 37.71 -34.29 -1.89
CA VAL A 990 37.19 -34.13 -0.53
C VAL A 990 37.07 -32.66 -0.18
N GLY A 991 38.11 -31.87 -0.47
CA GLY A 991 38.06 -30.46 -0.16
C GLY A 991 36.97 -29.73 -0.91
N LEU A 992 36.84 -30.01 -2.21
CA LEU A 992 35.80 -29.35 -3.00
C LEU A 992 34.41 -29.65 -2.45
N ALA A 993 34.12 -30.94 -2.24
CA ALA A 993 32.80 -31.34 -1.76
C ALA A 993 32.51 -30.75 -0.39
N LEU A 994 33.49 -30.80 0.52
CA LEU A 994 33.24 -30.35 1.89
C LEU A 994 33.11 -28.83 1.95
N SER A 995 33.89 -28.10 1.13
CA SER A 995 33.74 -26.65 1.10
C SER A 995 32.38 -26.24 0.56
N TYR A 996 31.91 -26.91 -0.50
CA TYR A 996 30.58 -26.57 -1.01
C TYR A 996 29.49 -26.92 0.00
N ALA A 997 29.65 -28.05 0.71
CA ALA A 997 28.70 -28.40 1.76
C ALA A 997 28.68 -27.33 2.85
N LEU A 998 29.85 -26.80 3.21
CA LEU A 998 29.91 -25.73 4.20
C LEU A 998 29.28 -24.45 3.68
N THR A 999 29.35 -24.19 2.37
CA THR A 999 28.74 -22.98 1.83
C THR A 999 27.22 -23.10 1.67
N LEU A 1000 26.68 -24.33 1.72
CA LEU A 1000 25.22 -24.50 1.59
C LEU A 1000 24.44 -23.75 2.66
N MET A 1001 25.07 -23.47 3.81
CA MET A 1001 24.40 -22.85 4.94
C MET A 1001 24.02 -21.40 4.61
N GLY A 1002 22.81 -21.01 5.00
CA GLY A 1002 22.31 -19.69 4.71
C GLY A 1002 21.75 -19.59 3.30
N MET A 1003 22.50 -20.15 2.34
CA MET A 1003 22.04 -20.20 0.96
C MET A 1003 20.74 -20.98 0.85
N PHE A 1004 20.65 -22.12 1.52
CA PHE A 1004 19.42 -22.91 1.46
C PHE A 1004 18.21 -22.11 1.95
N GLN A 1005 18.35 -21.47 3.12
CA GLN A 1005 17.24 -20.72 3.70
C GLN A 1005 16.87 -19.51 2.85
N TRP A 1006 17.88 -18.83 2.30
CA TRP A 1006 17.59 -17.68 1.44
C TRP A 1006 16.84 -18.12 0.18
N CYS A 1007 17.21 -19.26 -0.39
CA CYS A 1007 16.49 -19.78 -1.54
C CYS A 1007 15.03 -20.06 -1.20
N VAL A 1008 14.79 -20.70 -0.05
CA VAL A 1008 13.40 -20.99 0.34
C VAL A 1008 12.61 -19.69 0.53
N ARG A 1009 13.21 -18.71 1.22
CA ARG A 1009 12.53 -17.45 1.46
C ARG A 1009 12.22 -16.72 0.16
N GLN A 1010 13.16 -16.72 -0.78
CA GLN A 1010 12.92 -16.05 -2.06
C GLN A 1010 11.84 -16.75 -2.87
N SER A 1011 11.78 -18.08 -2.81
CA SER A 1011 10.69 -18.80 -3.47
C SER A 1011 9.35 -18.39 -2.89
N ALA A 1012 9.27 -18.29 -1.55
CA ALA A 1012 8.04 -17.85 -0.92
C ALA A 1012 7.66 -16.44 -1.36
N GLU A 1013 8.65 -15.54 -1.44
CA GLU A 1013 8.39 -14.18 -1.87
C GLU A 1013 7.86 -14.12 -3.31
N VAL A 1014 8.44 -14.93 -4.20
CA VAL A 1014 7.99 -14.95 -5.59
C VAL A 1014 6.55 -15.43 -5.66
N GLU A 1015 6.23 -16.51 -4.94
CA GLU A 1015 4.86 -17.02 -4.96
C GLU A 1015 3.89 -16.00 -4.39
N ASN A 1016 4.31 -15.23 -3.37
CA ASN A 1016 3.48 -14.17 -2.84
C ASN A 1016 3.24 -13.09 -3.88
N MET A 1017 4.30 -12.68 -4.59
CA MET A 1017 4.23 -11.56 -5.52
C MET A 1017 3.54 -11.88 -6.83
N MET A 1018 3.34 -13.16 -7.16
CA MET A 1018 2.66 -13.49 -8.41
C MET A 1018 1.19 -13.07 -8.44
N ILE A 1019 0.62 -12.66 -7.31
CA ILE A 1019 -0.79 -12.26 -7.27
C ILE A 1019 -1.02 -11.02 -8.13
N SER A 1020 -0.05 -10.11 -8.15
CA SER A 1020 -0.16 -8.92 -8.99
C SER A 1020 -0.23 -9.29 -10.46
N VAL A 1021 0.58 -10.25 -10.89
CA VAL A 1021 0.52 -10.73 -12.27
C VAL A 1021 -0.85 -11.34 -12.54
N GLU A 1022 -1.37 -12.11 -11.60
CA GLU A 1022 -2.69 -12.71 -11.79
C GLU A 1022 -3.76 -11.64 -11.97
N ARG A 1023 -3.73 -10.59 -11.14
CA ARG A 1023 -4.71 -9.52 -11.26
C ARG A 1023 -4.57 -8.76 -12.58
N VAL A 1024 -3.34 -8.48 -13.00
CA VAL A 1024 -3.12 -7.77 -14.25
C VAL A 1024 -3.64 -8.58 -15.43
N ILE A 1025 -3.36 -9.88 -15.44
CA ILE A 1025 -3.86 -10.74 -16.51
C ILE A 1025 -5.38 -10.84 -16.45
N GLU A 1026 -5.97 -10.82 -15.25
CA GLU A 1026 -7.43 -10.84 -15.14
C GLU A 1026 -8.03 -9.59 -15.77
N TYR A 1027 -7.45 -8.43 -15.52
CA TYR A 1027 -7.93 -7.21 -16.17
C TYR A 1027 -7.54 -7.11 -17.64
N THR A 1028 -6.62 -7.96 -18.11
CA THR A 1028 -6.19 -7.90 -19.50
C THR A 1028 -7.29 -8.33 -20.47
N ASP A 1029 -8.19 -9.21 -20.02
CA ASP A 1029 -9.16 -9.81 -20.93
C ASP A 1029 -10.60 -9.45 -20.57
N LEU A 1030 -10.85 -8.17 -20.30
CA LEU A 1030 -12.19 -7.72 -19.94
C LEU A 1030 -13.12 -7.78 -21.15
N GLU A 1031 -14.40 -7.52 -20.88
CA GLU A 1031 -15.39 -7.47 -21.95
C GLU A 1031 -15.15 -6.27 -22.86
N LYS A 1032 -15.54 -6.40 -24.12
CA LYS A 1032 -15.37 -5.35 -25.10
C LYS A 1032 -16.70 -5.03 -25.77
N GLU A 1033 -16.98 -3.75 -25.94
CA GLU A 1033 -18.22 -3.31 -26.57
C GLU A 1033 -18.05 -3.36 -28.10
N ALA A 1034 -19.00 -2.76 -28.81
CA ALA A 1034 -18.93 -2.75 -30.26
C ALA A 1034 -17.70 -1.97 -30.72
N PRO A 1035 -17.10 -2.36 -31.84
CA PRO A 1035 -15.89 -1.67 -32.32
C PRO A 1035 -16.20 -0.24 -32.72
N TRP A 1036 -15.19 0.63 -32.55
CA TRP A 1036 -15.35 2.03 -32.88
C TRP A 1036 -15.59 2.26 -34.37
N GLU A 1037 -15.11 1.36 -35.21
CA GLU A 1037 -15.24 1.49 -36.66
C GLU A 1037 -15.87 0.23 -37.23
N TYR A 1038 -16.68 0.41 -38.26
CA TYR A 1038 -17.32 -0.69 -38.97
C TYR A 1038 -16.91 -0.67 -40.44
N GLN A 1039 -17.23 -1.77 -41.13
CA GLN A 1039 -16.84 -1.90 -42.53
C GLN A 1039 -17.53 -0.84 -43.40
N LYS A 1040 -18.81 -0.59 -43.18
CA LYS A 1040 -19.58 0.35 -43.98
C LYS A 1040 -19.54 1.71 -43.31
N ARG A 1041 -18.65 2.58 -43.77
CA ARG A 1041 -18.57 3.94 -43.24
C ARG A 1041 -19.75 4.76 -43.74
N PRO A 1042 -20.22 5.71 -42.93
CA PRO A 1042 -21.36 6.52 -43.33
C PRO A 1042 -20.95 7.61 -44.29
N PRO A 1043 -21.91 8.27 -44.95
CA PRO A 1043 -21.55 9.42 -45.79
C PRO A 1043 -20.96 10.52 -44.94
N PRO A 1044 -20.07 11.34 -45.54
CA PRO A 1044 -19.39 12.38 -44.75
C PRO A 1044 -20.34 13.40 -44.13
N ALA A 1045 -21.53 13.57 -44.68
CA ALA A 1045 -22.52 14.49 -44.14
C ALA A 1045 -23.79 13.76 -43.68
N TRP A 1046 -23.64 12.59 -43.05
CA TRP A 1046 -24.77 11.77 -42.64
C TRP A 1046 -25.72 12.57 -41.74
N PRO A 1047 -25.23 13.39 -40.80
CA PRO A 1047 -26.14 14.38 -40.19
C PRO A 1047 -26.62 15.42 -41.19
N HIS A 1048 -27.47 15.04 -42.14
CA HIS A 1048 -28.00 16.01 -43.08
C HIS A 1048 -28.99 16.94 -42.39
N GLU A 1049 -30.03 16.37 -41.77
CA GLU A 1049 -31.07 17.16 -41.14
C GLU A 1049 -31.11 16.93 -39.62
N GLY A 1050 -31.23 15.68 -39.17
CA GLY A 1050 -31.28 15.40 -37.76
C GLY A 1050 -32.58 14.78 -37.30
N VAL A 1051 -33.37 14.27 -38.23
CA VAL A 1051 -34.64 13.62 -37.88
C VAL A 1051 -34.32 12.29 -37.19
N ILE A 1052 -34.84 12.13 -35.97
CA ILE A 1052 -34.53 10.97 -35.14
C ILE A 1052 -35.81 10.20 -34.88
N ILE A 1053 -35.83 8.92 -35.23
CA ILE A 1053 -37.01 8.07 -35.08
C ILE A 1053 -36.70 6.99 -34.06
N PHE A 1054 -37.49 6.95 -32.99
CA PHE A 1054 -37.41 5.88 -32.00
C PHE A 1054 -38.56 4.93 -32.25
N ASP A 1055 -38.25 3.64 -32.43
CA ASP A 1055 -39.24 2.62 -32.77
C ASP A 1055 -39.01 1.38 -31.91
N ASN A 1056 -39.88 1.17 -30.93
CA ASN A 1056 -39.86 -0.02 -30.08
C ASN A 1056 -38.50 -0.15 -29.37
N VAL A 1057 -38.18 0.85 -28.57
CA VAL A 1057 -36.89 0.95 -27.90
C VAL A 1057 -37.05 0.51 -26.46
N ASN A 1058 -36.38 -0.58 -26.08
CA ASN A 1058 -36.29 -1.03 -24.71
C ASN A 1058 -34.83 -0.99 -24.29
N PHE A 1059 -34.55 -0.29 -23.19
CA PHE A 1059 -33.17 -0.07 -22.75
C PHE A 1059 -33.04 -0.44 -21.29
N MET A 1060 -31.98 -1.17 -20.96
CA MET A 1060 -31.65 -1.52 -19.59
C MET A 1060 -30.15 -1.36 -19.38
N TYR A 1061 -29.79 -0.98 -18.15
CA TYR A 1061 -28.38 -0.73 -17.84
C TYR A 1061 -27.55 -2.01 -18.00
N SER A 1062 -28.06 -3.13 -17.49
CA SER A 1062 -27.36 -4.40 -17.54
C SER A 1062 -28.34 -5.50 -17.98
N PRO A 1063 -27.83 -6.56 -18.61
CA PRO A 1063 -28.70 -7.67 -18.99
C PRO A 1063 -29.25 -8.37 -17.75
N GLY A 1064 -30.55 -8.62 -17.76
CA GLY A 1064 -31.23 -9.25 -16.65
C GLY A 1064 -31.66 -8.32 -15.54
N GLY A 1065 -31.32 -7.04 -15.62
CA GLY A 1065 -31.70 -6.08 -14.61
C GLY A 1065 -33.05 -5.46 -14.89
N PRO A 1066 -33.53 -4.62 -13.98
CA PRO A 1066 -34.81 -3.95 -14.20
C PRO A 1066 -34.76 -3.04 -15.42
N LEU A 1067 -35.86 -2.99 -16.15
CA LEU A 1067 -35.96 -2.17 -17.34
C LEU A 1067 -36.16 -0.70 -16.98
N VAL A 1068 -35.74 0.18 -17.88
CA VAL A 1068 -35.87 1.63 -17.71
C VAL A 1068 -36.79 2.23 -18.75
N LEU A 1069 -36.69 1.81 -20.00
CA LEU A 1069 -37.55 2.28 -21.08
C LEU A 1069 -38.37 1.11 -21.62
N LYS A 1070 -39.66 1.36 -21.86
CA LYS A 1070 -40.60 0.32 -22.28
C LYS A 1070 -41.31 0.78 -23.55
N HIS A 1071 -40.87 0.26 -24.70
CA HIS A 1071 -41.53 0.46 -25.99
C HIS A 1071 -41.67 1.95 -26.33
N LEU A 1072 -40.51 2.60 -26.50
CA LEU A 1072 -40.48 4.01 -26.89
C LEU A 1072 -40.73 4.15 -28.39
N THR A 1073 -41.69 5.00 -28.74
CA THR A 1073 -42.06 5.22 -30.15
C THR A 1073 -42.33 6.70 -30.34
N ALA A 1074 -41.47 7.36 -31.11
CA ALA A 1074 -41.60 8.80 -31.31
C ALA A 1074 -40.79 9.21 -32.55
N LEU A 1075 -41.07 10.42 -33.02
CA LEU A 1075 -40.35 11.03 -34.13
C LEU A 1075 -39.95 12.45 -33.77
N ILE A 1076 -38.73 12.83 -34.13
CA ILE A 1076 -38.19 14.15 -33.85
C ILE A 1076 -37.78 14.76 -35.20
N LYS A 1077 -38.50 15.80 -35.60
CA LYS A 1077 -38.26 16.46 -36.88
C LYS A 1077 -37.06 17.38 -36.78
N SER A 1078 -36.39 17.60 -37.92
CA SER A 1078 -35.20 18.43 -37.95
C SER A 1078 -35.49 19.85 -37.51
N GLN A 1079 -34.52 20.46 -36.83
CA GLN A 1079 -34.53 21.85 -36.39
C GLN A 1079 -35.63 22.16 -35.39
N GLU A 1080 -36.12 21.17 -34.65
CA GLU A 1080 -37.14 21.40 -33.65
C GLU A 1080 -36.53 21.33 -32.25
N LYS A 1081 -37.24 21.92 -31.29
CA LYS A 1081 -36.82 21.94 -29.89
C LYS A 1081 -37.70 20.98 -29.09
N VAL A 1082 -37.05 20.08 -28.37
CA VAL A 1082 -37.74 19.03 -27.61
C VAL A 1082 -37.32 19.14 -26.15
N GLY A 1083 -38.29 19.11 -25.25
CA GLY A 1083 -38.05 19.09 -23.82
C GLY A 1083 -38.43 17.75 -23.23
N ILE A 1084 -37.74 17.35 -22.18
CA ILE A 1084 -37.97 16.07 -21.50
C ILE A 1084 -38.32 16.37 -20.05
N VAL A 1085 -39.46 15.83 -19.60
CA VAL A 1085 -39.89 15.97 -18.22
C VAL A 1085 -40.27 14.61 -17.67
N GLY A 1086 -40.26 14.49 -16.35
CA GLY A 1086 -40.59 13.24 -15.69
C GLY A 1086 -40.06 13.23 -14.28
N ARG A 1087 -39.90 12.03 -13.74
CA ARG A 1087 -39.39 11.81 -12.41
C ARG A 1087 -37.91 11.45 -12.46
N THR A 1088 -37.21 11.73 -11.36
CA THR A 1088 -35.78 11.43 -11.27
C THR A 1088 -35.58 9.93 -11.26
N GLY A 1089 -34.82 9.42 -12.22
CA GLY A 1089 -34.57 8.00 -12.34
C GLY A 1089 -35.68 7.22 -13.02
N ALA A 1090 -36.69 7.88 -13.57
CA ALA A 1090 -37.80 7.23 -14.23
C ALA A 1090 -37.64 7.19 -15.75
N GLY A 1091 -36.41 7.06 -16.24
CA GLY A 1091 -36.14 7.00 -17.66
C GLY A 1091 -35.63 8.28 -18.28
N LYS A 1092 -35.59 9.39 -17.52
CA LYS A 1092 -35.07 10.63 -18.07
C LYS A 1092 -33.58 10.52 -18.37
N SER A 1093 -32.81 9.89 -17.49
CA SER A 1093 -31.37 9.81 -17.64
C SER A 1093 -30.92 8.72 -18.61
N SER A 1094 -31.79 7.78 -18.96
CA SER A 1094 -31.42 6.70 -19.86
C SER A 1094 -31.62 7.03 -21.32
N LEU A 1095 -32.26 8.15 -21.65
CA LEU A 1095 -32.44 8.52 -23.04
C LEU A 1095 -31.10 8.80 -23.72
N ILE A 1096 -30.21 9.51 -23.03
CA ILE A 1096 -28.90 9.81 -23.60
C ILE A 1096 -28.07 8.54 -23.74
N SER A 1097 -28.20 7.62 -22.78
CA SER A 1097 -27.49 6.35 -22.87
C SER A 1097 -27.98 5.52 -24.05
N ALA A 1098 -29.29 5.52 -24.28
CA ALA A 1098 -29.83 4.79 -25.43
C ALA A 1098 -29.41 5.44 -26.74
N LEU A 1099 -29.39 6.77 -26.80
CA LEU A 1099 -29.05 7.45 -28.05
C LEU A 1099 -27.56 7.34 -28.36
N PHE A 1100 -26.71 7.34 -27.34
CA PHE A 1100 -25.26 7.21 -27.54
C PHE A 1100 -24.78 5.77 -27.46
N ARG A 1101 -25.69 4.81 -27.29
CA ARG A 1101 -25.35 3.39 -27.24
C ARG A 1101 -24.29 3.09 -26.18
N LEU A 1102 -24.43 3.73 -25.01
CA LEU A 1102 -23.55 3.39 -23.90
C LEU A 1102 -23.75 1.94 -23.48
N SER A 1103 -25.01 1.50 -23.42
CA SER A 1103 -25.36 0.09 -23.31
C SER A 1103 -26.25 -0.23 -24.50
N GLU A 1104 -25.91 -1.30 -25.23
CA GLU A 1104 -26.58 -1.63 -26.49
C GLU A 1104 -28.08 -1.80 -26.27
N PRO A 1105 -28.90 -0.89 -26.77
CA PRO A 1105 -30.35 -0.96 -26.55
C PRO A 1105 -30.99 -1.98 -27.49
N GLU A 1106 -32.23 -2.34 -27.15
CA GLU A 1106 -33.01 -3.27 -27.96
C GLU A 1106 -34.03 -2.47 -28.77
N GLY A 1107 -34.08 -2.73 -30.07
CA GLY A 1107 -34.99 -2.03 -30.95
C GLY A 1107 -34.27 -1.35 -32.10
N LYS A 1108 -34.92 -0.38 -32.73
CA LYS A 1108 -34.35 0.33 -33.87
C LYS A 1108 -34.44 1.83 -33.62
N ILE A 1109 -33.30 2.51 -33.78
CA ILE A 1109 -33.23 3.97 -33.72
C ILE A 1109 -32.66 4.44 -35.05
N TRP A 1110 -33.40 5.29 -35.75
CA TRP A 1110 -33.04 5.75 -37.07
C TRP A 1110 -32.62 7.21 -37.03
N ILE A 1111 -31.44 7.50 -37.60
CA ILE A 1111 -30.97 8.86 -37.80
C ILE A 1111 -30.72 9.01 -39.29
N ASP A 1112 -31.50 9.88 -39.94
CA ASP A 1112 -31.40 10.11 -41.39
C ASP A 1112 -31.47 8.78 -42.16
N LYS A 1113 -32.40 7.92 -41.74
CA LYS A 1113 -32.60 6.61 -42.36
C LYS A 1113 -31.32 5.76 -42.29
N ILE A 1114 -30.61 5.87 -41.17
CA ILE A 1114 -29.47 5.01 -40.89
C ILE A 1114 -29.62 4.46 -39.48
N LEU A 1115 -29.45 3.15 -39.32
CA LEU A 1115 -29.60 2.52 -38.02
C LEU A 1115 -28.38 2.79 -37.15
N THR A 1116 -28.63 3.19 -35.89
CA THR A 1116 -27.53 3.49 -34.99
C THR A 1116 -26.72 2.24 -34.66
N THR A 1117 -27.39 1.10 -34.46
CA THR A 1117 -26.69 -0.13 -34.14
C THR A 1117 -25.92 -0.70 -35.33
N GLU A 1118 -26.14 -0.17 -36.53
CA GLU A 1118 -25.45 -0.64 -37.73
C GLU A 1118 -24.15 0.10 -38.00
N ILE A 1119 -23.94 1.25 -37.39
CA ILE A 1119 -22.75 2.07 -37.62
C ILE A 1119 -21.87 2.01 -36.37
N GLY A 1120 -20.58 2.25 -36.57
CA GLY A 1120 -19.62 2.15 -35.49
C GLY A 1120 -19.85 3.21 -34.43
N LEU A 1121 -19.30 2.94 -33.24
CA LEU A 1121 -19.51 3.83 -32.09
C LEU A 1121 -18.89 5.20 -32.34
N HIS A 1122 -17.65 5.24 -32.82
CA HIS A 1122 -16.98 6.52 -33.02
C HIS A 1122 -17.51 7.28 -34.22
N ASP A 1123 -18.17 6.59 -35.15
CA ASP A 1123 -18.80 7.23 -36.30
C ASP A 1123 -20.18 7.76 -35.97
N LEU A 1124 -20.68 7.50 -34.77
CA LEU A 1124 -21.99 7.98 -34.32
C LEU A 1124 -21.88 8.99 -33.18
N ARG A 1125 -21.11 8.69 -32.14
CA ARG A 1125 -21.01 9.57 -30.99
C ARG A 1125 -20.37 10.91 -31.32
N LYS A 1126 -19.56 10.97 -32.39
CA LYS A 1126 -18.87 12.20 -32.74
C LYS A 1126 -19.76 13.20 -33.47
N LYS A 1127 -20.96 12.81 -33.88
CA LYS A 1127 -21.80 13.66 -34.71
C LYS A 1127 -22.99 14.26 -33.96
N MET A 1128 -23.06 14.09 -32.63
CA MET A 1128 -24.10 14.72 -31.83
C MET A 1128 -23.47 15.27 -30.56
N SER A 1129 -23.66 16.57 -30.33
CA SER A 1129 -23.05 17.25 -29.19
C SER A 1129 -23.81 16.96 -27.90
N ILE A 1130 -23.08 16.98 -26.80
CA ILE A 1130 -23.64 16.72 -25.47
C ILE A 1130 -23.18 17.81 -24.51
N ILE A 1131 -24.10 18.26 -23.67
CA ILE A 1131 -23.81 19.19 -22.58
C ILE A 1131 -24.17 18.51 -21.28
N PRO A 1132 -23.17 18.03 -20.53
CA PRO A 1132 -23.44 17.20 -19.36
C PRO A 1132 -23.95 18.02 -18.18
N GLN A 1133 -24.34 17.30 -17.13
CA GLN A 1133 -24.79 17.94 -15.89
C GLN A 1133 -23.66 18.74 -15.26
N GLU A 1134 -22.58 18.06 -14.86
CA GLU A 1134 -21.41 18.74 -14.31
C GLU A 1134 -20.28 18.73 -15.34
N PRO A 1135 -19.95 19.87 -15.94
CA PRO A 1135 -18.83 19.91 -16.88
C PRO A 1135 -17.51 19.62 -16.17
N VAL A 1136 -16.60 19.00 -16.92
CA VAL A 1136 -15.27 18.65 -16.39
C VAL A 1136 -14.22 19.20 -17.34
N LEU A 1137 -13.22 19.87 -16.78
CA LEU A 1137 -12.07 20.36 -17.53
C LEU A 1137 -10.88 19.45 -17.29
N PHE A 1138 -10.29 18.94 -18.37
CA PHE A 1138 -9.18 18.01 -18.26
C PHE A 1138 -7.88 18.77 -18.11
N THR A 1139 -6.92 18.15 -17.41
CA THR A 1139 -5.64 18.78 -17.15
C THR A 1139 -4.90 19.03 -18.46
N GLY A 1140 -4.47 20.26 -18.65
CA GLY A 1140 -3.77 20.64 -19.86
C GLY A 1140 -4.10 22.06 -20.23
N THR A 1141 -3.75 22.42 -21.46
CA THR A 1141 -3.99 23.77 -21.96
C THR A 1141 -5.45 23.95 -22.33
N MET A 1142 -5.87 25.22 -22.40
CA MET A 1142 -7.20 25.53 -22.91
C MET A 1142 -7.35 25.11 -24.36
N ARG A 1143 -6.27 25.22 -25.14
CA ARG A 1143 -6.30 24.72 -26.51
C ARG A 1143 -6.57 23.23 -26.56
N LYS A 1144 -5.92 22.47 -25.66
CA LYS A 1144 -6.18 21.03 -25.59
C LYS A 1144 -7.61 20.75 -25.14
N ASN A 1145 -8.10 21.49 -24.16
CA ASN A 1145 -9.45 21.26 -23.65
C ASN A 1145 -10.54 21.68 -24.63
N LEU A 1146 -10.23 22.55 -25.59
CA LEU A 1146 -11.20 22.95 -26.59
C LEU A 1146 -11.04 22.23 -27.92
N ASP A 1147 -9.89 21.62 -28.18
CA ASP A 1147 -9.66 20.88 -29.41
C ASP A 1147 -8.50 19.91 -29.24
N PRO A 1148 -8.73 18.75 -28.62
CA PRO A 1148 -7.63 17.79 -28.45
C PRO A 1148 -7.02 17.30 -29.75
N PHE A 1149 -7.82 17.20 -30.81
CA PHE A 1149 -7.34 16.69 -32.09
C PHE A 1149 -6.75 17.76 -32.98
N ASN A 1150 -6.74 19.01 -32.54
CA ASN A 1150 -6.14 20.13 -33.29
C ASN A 1150 -6.72 20.23 -34.71
N GLU A 1151 -8.04 20.09 -34.82
CA GLU A 1151 -8.72 20.16 -36.09
C GLU A 1151 -9.20 21.57 -36.42
N HIS A 1152 -8.90 22.56 -35.57
CA HIS A 1152 -9.37 23.92 -35.75
C HIS A 1152 -8.18 24.88 -35.73
N THR A 1153 -8.48 26.16 -35.84
CA THR A 1153 -7.47 27.20 -35.88
C THR A 1153 -7.58 28.10 -34.65
N ASP A 1154 -6.50 28.85 -34.41
CA ASP A 1154 -6.47 29.75 -33.25
C ASP A 1154 -7.53 30.84 -33.37
N GLU A 1155 -7.74 31.35 -34.59
CA GLU A 1155 -8.80 32.35 -34.79
C GLU A 1155 -10.17 31.76 -34.47
N GLU A 1156 -10.42 30.51 -34.87
CA GLU A 1156 -11.70 29.87 -34.57
C GLU A 1156 -11.87 29.67 -33.07
N LEU A 1157 -10.79 29.25 -32.38
CA LEU A 1157 -10.87 29.08 -30.94
C LEU A 1157 -11.15 30.41 -30.23
N TRP A 1158 -10.47 31.47 -30.66
CA TRP A 1158 -10.71 32.77 -30.06
C TRP A 1158 -12.13 33.26 -30.34
N ASN A 1159 -12.64 32.99 -31.54
CA ASN A 1159 -14.01 33.37 -31.86
C ASN A 1159 -15.00 32.62 -30.97
N ALA A 1160 -14.78 31.32 -30.76
CA ALA A 1160 -15.66 30.56 -29.88
C ALA A 1160 -15.59 31.09 -28.45
N LEU A 1161 -14.39 31.41 -27.96
CA LEU A 1161 -14.25 31.95 -26.62
C LEU A 1161 -14.96 33.30 -26.49
N GLN A 1162 -14.87 34.13 -27.54
CA GLN A 1162 -15.61 35.39 -27.55
C GLN A 1162 -17.11 35.15 -27.52
N GLU A 1163 -17.58 34.15 -28.27
CA GLU A 1163 -19.01 33.84 -28.26
C GLU A 1163 -19.47 33.41 -26.88
N VAL A 1164 -18.67 32.61 -26.18
CA VAL A 1164 -19.00 32.22 -24.81
C VAL A 1164 -18.48 33.21 -23.78
N GLN A 1165 -17.89 34.32 -24.22
CA GLN A 1165 -17.49 35.43 -23.36
C GLN A 1165 -16.48 35.05 -22.28
N LEU A 1166 -15.57 34.13 -22.57
CA LEU A 1166 -14.43 33.88 -21.70
C LEU A 1166 -13.12 34.37 -22.30
N LYS A 1167 -13.15 35.00 -23.47
CA LYS A 1167 -11.91 35.46 -24.08
C LYS A 1167 -11.22 36.51 -23.22
N GLU A 1168 -11.99 37.50 -22.74
CA GLU A 1168 -11.41 38.52 -21.87
C GLU A 1168 -10.95 37.93 -20.55
N THR A 1169 -11.76 37.04 -19.96
CA THR A 1169 -11.40 36.39 -18.72
C THR A 1169 -10.15 35.53 -18.87
N ILE A 1170 -9.86 35.04 -20.06
CA ILE A 1170 -8.71 34.18 -20.30
C ILE A 1170 -7.46 35.00 -20.62
N GLU A 1171 -7.59 36.07 -21.38
CA GLU A 1171 -6.38 36.79 -21.83
C GLU A 1171 -5.86 37.74 -20.76
N ASP A 1172 -5.69 37.23 -19.53
CA ASP A 1172 -4.99 37.96 -18.50
C ASP A 1172 -4.06 37.06 -17.68
N LEU A 1173 -4.04 35.77 -17.94
CA LEU A 1173 -3.14 34.85 -17.27
C LEU A 1173 -1.72 35.04 -17.81
N PRO A 1174 -0.70 34.54 -17.09
CA PRO A 1174 0.67 34.61 -17.62
C PRO A 1174 0.81 33.99 -19.00
N GLY A 1175 0.10 32.89 -19.26
CA GLY A 1175 0.02 32.35 -20.59
C GLY A 1175 -1.24 32.79 -21.31
N LYS A 1176 -1.16 32.84 -22.64
CA LYS A 1176 -2.33 33.25 -23.43
C LYS A 1176 -3.48 32.28 -23.22
N MET A 1177 -3.30 31.03 -23.63
CA MET A 1177 -4.28 29.98 -23.38
C MET A 1177 -3.67 28.69 -22.83
N ASP A 1178 -2.35 28.56 -22.82
CA ASP A 1178 -1.67 27.32 -22.48
C ASP A 1178 -1.41 27.19 -20.98
N THR A 1179 -2.16 27.90 -20.15
CA THR A 1179 -1.94 27.82 -18.71
C THR A 1179 -2.41 26.47 -18.18
N GLU A 1180 -1.56 25.83 -17.36
CA GLU A 1180 -1.93 24.57 -16.75
C GLU A 1180 -3.01 24.77 -15.69
N LEU A 1181 -3.98 23.88 -15.66
CA LEU A 1181 -5.11 23.97 -14.75
C LEU A 1181 -5.06 22.84 -13.73
N ALA A 1182 -5.90 22.96 -12.71
CA ALA A 1182 -5.97 21.98 -11.63
C ALA A 1182 -6.96 20.88 -12.00
N GLU A 1183 -7.31 20.04 -11.03
CA GLU A 1183 -8.20 18.92 -11.27
C GLU A 1183 -9.63 19.42 -11.50
N SER A 1184 -10.15 19.17 -12.70
CA SER A 1184 -11.54 19.48 -13.04
C SER A 1184 -11.86 20.96 -12.83
N GLY A 1185 -10.91 21.82 -13.18
CA GLY A 1185 -11.12 23.26 -13.09
C GLY A 1185 -11.40 23.77 -11.69
N SER A 1186 -10.60 23.35 -10.72
CA SER A 1186 -10.79 23.80 -9.34
C SER A 1186 -10.62 25.31 -9.21
N ASN A 1187 -9.82 25.91 -10.10
CA ASN A 1187 -9.63 27.36 -10.10
C ASN A 1187 -10.68 28.10 -10.90
N PHE A 1188 -11.60 27.38 -11.55
CA PHE A 1188 -12.65 27.99 -12.35
C PHE A 1188 -14.00 27.76 -11.68
N SER A 1189 -15.00 28.52 -12.12
CA SER A 1189 -16.34 28.43 -11.59
C SER A 1189 -17.16 27.40 -12.37
N VAL A 1190 -18.27 26.99 -11.76
CA VAL A 1190 -19.17 26.04 -12.40
C VAL A 1190 -19.75 26.65 -13.68
N GLY A 1191 -20.16 27.92 -13.61
CA GLY A 1191 -20.63 28.59 -14.82
C GLY A 1191 -19.55 28.71 -15.87
N GLN A 1192 -18.30 28.93 -15.44
CA GLN A 1192 -17.19 28.97 -16.39
C GLN A 1192 -17.01 27.63 -17.09
N ARG A 1193 -17.09 26.53 -16.34
CA ARG A 1193 -17.01 25.20 -16.95
C ARG A 1193 -18.17 24.95 -17.90
N GLN A 1194 -19.38 25.39 -17.52
CA GLN A 1194 -20.54 25.22 -18.39
C GLN A 1194 -20.34 25.99 -19.70
N LEU A 1195 -19.82 27.21 -19.62
CA LEU A 1195 -19.58 27.98 -20.83
C LEU A 1195 -18.45 27.39 -21.66
N VAL A 1196 -17.45 26.79 -21.01
CA VAL A 1196 -16.39 26.09 -21.76
C VAL A 1196 -16.98 24.91 -22.53
N CYS A 1197 -17.87 24.15 -21.90
CA CYS A 1197 -18.54 23.06 -22.61
C CYS A 1197 -19.40 23.60 -23.75
N LEU A 1198 -20.04 24.75 -23.54
CA LEU A 1198 -20.80 25.37 -24.61
C LEU A 1198 -19.90 25.75 -25.80
N ALA A 1199 -18.71 26.30 -25.50
CA ALA A 1199 -17.75 26.60 -26.55
C ALA A 1199 -17.30 25.33 -27.26
N ARG A 1200 -17.12 24.25 -26.52
CA ARG A 1200 -16.83 22.95 -27.13
C ARG A 1200 -17.93 22.56 -28.11
N ALA A 1201 -19.19 22.75 -27.71
CA ALA A 1201 -20.32 22.42 -28.58
C ALA A 1201 -20.30 23.27 -29.84
N ILE A 1202 -20.04 24.57 -29.71
CA ILE A 1202 -20.00 25.44 -30.89
C ILE A 1202 -18.86 25.01 -31.82
N LEU A 1203 -17.69 24.71 -31.25
CA LEU A 1203 -16.57 24.28 -32.08
C LEU A 1203 -16.87 22.99 -32.81
N ARG A 1204 -17.52 22.03 -32.13
CA ARG A 1204 -17.87 20.77 -32.79
C ARG A 1204 -18.87 21.00 -33.92
N LYS A 1205 -19.93 21.79 -33.65
CA LYS A 1205 -20.89 22.20 -34.67
C LYS A 1205 -21.53 21.00 -35.37
N ASN A 1206 -22.29 20.24 -34.59
CA ASN A 1206 -23.05 19.11 -35.11
C ASN A 1206 -24.54 19.45 -35.16
N GLN A 1207 -25.25 18.80 -36.08
CA GLN A 1207 -26.65 19.12 -36.32
C GLN A 1207 -27.55 18.73 -35.16
N ILE A 1208 -27.15 17.76 -34.34
CA ILE A 1208 -27.94 17.29 -33.20
C ILE A 1208 -27.21 17.65 -31.92
N LEU A 1209 -27.93 18.23 -30.98
CA LEU A 1209 -27.37 18.64 -29.70
C LEU A 1209 -28.30 18.20 -28.58
N ILE A 1210 -27.72 17.76 -27.47
CA ILE A 1210 -28.48 17.29 -26.31
C ILE A 1210 -27.91 17.94 -25.06
N ILE A 1211 -28.79 18.51 -24.24
CA ILE A 1211 -28.44 19.10 -22.96
C ILE A 1211 -29.03 18.26 -21.84
N ASP A 1212 -28.24 17.98 -20.81
CA ASP A 1212 -28.69 17.19 -19.67
C ASP A 1212 -28.42 17.97 -18.38
N GLU A 1213 -29.49 18.45 -17.75
CA GLU A 1213 -29.41 19.11 -16.44
C GLU A 1213 -28.45 20.31 -16.49
N ALA A 1214 -28.86 21.32 -17.26
CA ALA A 1214 -28.00 22.47 -17.51
C ALA A 1214 -27.62 23.19 -16.21
N THR A 1215 -28.62 23.71 -15.51
CA THR A 1215 -28.38 24.54 -14.33
C THR A 1215 -28.91 23.83 -13.09
N ALA A 1216 -28.04 23.66 -12.09
CA ALA A 1216 -28.44 23.06 -10.81
C ALA A 1216 -28.31 24.04 -9.66
N ASN A 1217 -27.11 24.60 -9.43
CA ASN A 1217 -26.88 25.53 -8.33
C ASN A 1217 -25.99 26.67 -8.78
N VAL A 1218 -26.21 27.15 -10.00
CA VAL A 1218 -25.39 28.23 -10.57
C VAL A 1218 -26.11 29.56 -10.33
N ASP A 1219 -25.34 30.64 -10.37
CA ASP A 1219 -25.90 31.96 -10.12
C ASP A 1219 -26.87 32.35 -11.23
N PRO A 1220 -27.90 33.14 -10.91
CA PRO A 1220 -28.90 33.50 -11.93
C PRO A 1220 -28.33 34.26 -13.12
N ARG A 1221 -27.29 35.08 -12.92
CA ARG A 1221 -26.70 35.80 -14.04
C ARG A 1221 -26.11 34.84 -15.06
N THR A 1222 -25.27 33.91 -14.59
CA THR A 1222 -24.69 32.93 -15.50
C THR A 1222 -25.76 32.00 -16.07
N ASP A 1223 -26.81 31.69 -15.29
CA ASP A 1223 -27.90 30.88 -15.81
C ASP A 1223 -28.57 31.56 -17.00
N GLU A 1224 -28.90 32.85 -16.84
CA GLU A 1224 -29.52 33.59 -17.93
C GLU A 1224 -28.59 33.71 -19.13
N LEU A 1225 -27.30 33.93 -18.88
CA LEU A 1225 -26.34 33.99 -19.98
C LEU A 1225 -26.30 32.68 -20.75
N ILE A 1226 -26.21 31.56 -20.04
CA ILE A 1226 -26.17 30.25 -20.70
C ILE A 1226 -27.45 30.02 -21.50
N GLN A 1227 -28.60 30.33 -20.91
CA GLN A 1227 -29.87 30.11 -21.60
C GLN A 1227 -29.96 30.95 -22.88
N LYS A 1228 -29.60 32.23 -22.79
CA LYS A 1228 -29.72 33.09 -23.96
C LYS A 1228 -28.74 32.69 -25.06
N LYS A 1229 -27.51 32.32 -24.69
CA LYS A 1229 -26.55 31.87 -25.69
C LYS A 1229 -27.01 30.57 -26.34
N ILE A 1230 -27.54 29.64 -25.54
CA ILE A 1230 -28.07 28.40 -26.11
C ILE A 1230 -29.19 28.70 -27.08
N ARG A 1231 -30.10 29.60 -26.71
CA ARG A 1231 -31.23 29.92 -27.59
C ARG A 1231 -30.75 30.58 -28.88
N GLU A 1232 -29.80 31.50 -28.81
CA GLU A 1232 -29.46 32.32 -29.97
C GLU A 1232 -28.26 31.76 -30.73
N LYS A 1233 -27.73 30.62 -30.31
CA LYS A 1233 -26.59 30.02 -31.01
C LYS A 1233 -26.96 28.80 -31.84
N PHE A 1234 -28.01 28.08 -31.47
CA PHE A 1234 -28.30 26.80 -32.12
C PHE A 1234 -29.69 26.81 -32.77
N ALA A 1235 -29.99 27.89 -33.49
CA ALA A 1235 -31.30 28.03 -34.12
C ALA A 1235 -31.55 26.95 -35.17
N HIS A 1236 -30.54 26.62 -35.96
CA HIS A 1236 -30.70 25.69 -37.09
C HIS A 1236 -30.27 24.27 -36.75
N CYS A 1237 -30.06 23.96 -35.47
CA CYS A 1237 -29.66 22.63 -35.03
C CYS A 1237 -30.74 22.05 -34.12
N THR A 1238 -31.11 20.79 -34.37
CA THR A 1238 -32.07 20.11 -33.51
C THR A 1238 -31.48 19.96 -32.11
N VAL A 1239 -32.29 20.28 -31.10
CA VAL A 1239 -31.84 20.31 -29.71
C VAL A 1239 -32.83 19.52 -28.87
N LEU A 1240 -32.32 18.59 -28.07
CA LEU A 1240 -33.09 17.85 -27.07
C LEU A 1240 -32.60 18.23 -25.68
N THR A 1241 -33.52 18.70 -24.85
CA THR A 1241 -33.17 19.21 -23.52
C THR A 1241 -33.85 18.36 -22.45
N ILE A 1242 -33.06 17.88 -21.49
CA ILE A 1242 -33.56 17.16 -20.33
C ILE A 1242 -33.39 18.09 -19.14
N ALA A 1243 -34.46 18.74 -18.72
CA ALA A 1243 -34.41 19.77 -17.68
C ALA A 1243 -35.27 19.35 -16.50
N HIS A 1244 -34.74 19.59 -15.29
CA HIS A 1244 -35.48 19.36 -14.07
C HIS A 1244 -36.39 20.53 -13.70
N ARG A 1245 -36.30 21.64 -14.43
CA ARG A 1245 -37.12 22.82 -14.20
C ARG A 1245 -37.81 23.20 -15.51
N LEU A 1246 -39.03 23.71 -15.39
CA LEU A 1246 -39.86 24.02 -16.54
C LEU A 1246 -39.62 25.39 -17.13
N ASN A 1247 -38.83 26.24 -16.47
CA ASN A 1247 -38.55 27.57 -17.00
C ASN A 1247 -37.71 27.48 -18.27
N THR A 1248 -36.73 26.57 -18.31
CA THR A 1248 -35.82 26.50 -19.43
C THR A 1248 -36.46 25.86 -20.67
N ILE A 1249 -37.42 24.97 -20.48
CA ILE A 1249 -38.01 24.22 -21.59
C ILE A 1249 -39.47 24.61 -21.82
N ILE A 1250 -39.88 25.79 -21.33
CA ILE A 1250 -41.25 26.22 -21.56
C ILE A 1250 -41.48 26.60 -23.03
N ASP A 1251 -40.44 27.09 -23.70
CA ASP A 1251 -40.55 27.55 -25.09
C ASP A 1251 -40.24 26.45 -26.10
N SER A 1252 -40.00 25.23 -25.65
CA SER A 1252 -39.70 24.13 -26.57
C SER A 1252 -40.91 23.82 -27.44
N ASP A 1253 -40.65 23.38 -28.67
CA ASP A 1253 -41.73 23.07 -29.60
C ASP A 1253 -42.57 21.89 -29.10
N LYS A 1254 -41.91 20.85 -28.60
CA LYS A 1254 -42.60 19.68 -28.06
C LYS A 1254 -41.93 19.26 -26.76
N ILE A 1255 -42.71 18.60 -25.91
CA ILE A 1255 -42.22 18.13 -24.60
C ILE A 1255 -42.51 16.64 -24.48
N MET A 1256 -41.49 15.86 -24.14
CA MET A 1256 -41.67 14.45 -23.87
C MET A 1256 -42.11 14.25 -22.43
N VAL A 1257 -43.09 13.37 -22.23
CA VAL A 1257 -43.59 13.06 -20.90
C VAL A 1257 -43.30 11.58 -20.61
N LEU A 1258 -42.59 11.32 -19.53
CA LEU A 1258 -42.22 9.98 -19.12
C LEU A 1258 -42.86 9.66 -17.79
N ASP A 1259 -43.52 8.50 -17.72
CA ASP A 1259 -44.14 8.01 -16.50
C ASP A 1259 -43.62 6.60 -16.24
N SER A 1260 -42.70 6.47 -15.28
CA SER A 1260 -42.10 5.18 -14.91
C SER A 1260 -41.52 4.46 -16.13
N GLY A 1261 -40.89 5.23 -17.03
CA GLY A 1261 -40.33 4.66 -18.23
C GLY A 1261 -41.31 4.43 -19.35
N ARG A 1262 -42.48 5.08 -19.33
CA ARG A 1262 -43.47 4.95 -20.39
C ARG A 1262 -43.70 6.31 -21.02
N LEU A 1263 -43.67 6.36 -22.35
CA LEU A 1263 -43.92 7.62 -23.06
C LEU A 1263 -45.43 7.89 -23.06
N LYS A 1264 -45.84 8.95 -22.34
CA LYS A 1264 -47.25 9.27 -22.18
C LYS A 1264 -47.74 10.29 -23.21
N GLU A 1265 -47.13 11.47 -23.24
CA GLU A 1265 -47.61 12.58 -24.05
C GLU A 1265 -46.53 13.05 -25.02
N TYR A 1266 -46.97 13.40 -26.23
CA TYR A 1266 -46.06 13.93 -27.26
C TYR A 1266 -46.87 14.94 -28.08
N ASP A 1267 -46.75 16.21 -27.71
CA ASP A 1267 -47.48 17.28 -28.37
C ASP A 1267 -46.91 18.62 -27.89
N GLU A 1268 -47.51 19.71 -28.36
CA GLU A 1268 -47.07 21.03 -27.99
C GLU A 1268 -47.35 21.29 -26.50
N PRO A 1269 -46.49 22.06 -25.83
CA PRO A 1269 -46.72 22.35 -24.41
C PRO A 1269 -48.03 23.08 -24.15
N TYR A 1270 -48.45 23.98 -25.06
CA TYR A 1270 -49.72 24.67 -24.87
C TYR A 1270 -50.89 23.71 -24.98
N VAL A 1271 -50.84 22.78 -25.92
CA VAL A 1271 -51.92 21.80 -26.07
C VAL A 1271 -52.02 20.93 -24.83
N LEU A 1272 -50.87 20.49 -24.29
CA LEU A 1272 -50.88 19.69 -23.07
C LEU A 1272 -51.39 20.50 -21.88
N LEU A 1273 -51.02 21.78 -21.80
CA LEU A 1273 -51.52 22.62 -20.72
C LEU A 1273 -53.02 22.86 -20.84
N GLN A 1274 -53.56 22.82 -22.05
CA GLN A 1274 -55.00 22.97 -22.22
C GLN A 1274 -55.77 21.86 -21.51
N ASN A 1275 -55.29 20.63 -21.62
CA ASN A 1275 -55.93 19.50 -20.96
C ASN A 1275 -55.51 19.44 -19.49
N LYS A 1276 -56.49 19.48 -18.59
CA LYS A 1276 -56.17 19.42 -17.17
C LYS A 1276 -55.81 18.01 -16.72
N GLU A 1277 -56.33 16.98 -17.40
CA GLU A 1277 -56.00 15.61 -17.06
C GLU A 1277 -54.60 15.21 -17.50
N SER A 1278 -53.94 16.00 -18.33
CA SER A 1278 -52.59 15.68 -18.77
C SER A 1278 -51.61 15.76 -17.62
N LEU A 1279 -50.58 14.91 -17.68
CA LEU A 1279 -49.56 14.89 -16.64
C LEU A 1279 -48.81 16.21 -16.57
N PHE A 1280 -48.56 16.82 -17.74
CA PHE A 1280 -47.81 18.08 -17.78
C PHE A 1280 -48.50 19.16 -16.96
N TYR A 1281 -49.83 19.28 -17.09
CA TYR A 1281 -50.56 20.28 -16.33
C TYR A 1281 -50.49 20.00 -14.84
N LYS A 1282 -50.53 18.71 -14.45
CA LYS A 1282 -50.43 18.36 -13.03
C LYS A 1282 -49.07 18.74 -12.47
N MET A 1283 -47.99 18.43 -13.19
CA MET A 1283 -46.66 18.81 -12.72
C MET A 1283 -46.49 20.33 -12.69
N VAL A 1284 -47.13 21.03 -13.63
CA VAL A 1284 -47.11 22.49 -13.59
C VAL A 1284 -47.81 23.00 -12.34
N GLN A 1285 -48.98 22.43 -12.03
CA GLN A 1285 -49.75 22.88 -10.87
C GLN A 1285 -49.05 22.55 -9.56
N GLN A 1286 -48.23 21.49 -9.53
CA GLN A 1286 -47.49 21.19 -8.31
C GLN A 1286 -46.52 22.30 -7.95
N LEU A 1287 -45.99 23.02 -8.95
CA LEU A 1287 -45.02 24.07 -8.68
C LEU A 1287 -45.63 25.21 -7.89
N GLY A 1288 -46.85 25.61 -8.23
CA GLY A 1288 -47.50 26.71 -7.53
C GLY A 1288 -48.67 27.25 -8.33
N LYS A 1289 -49.01 28.51 -8.05
CA LYS A 1289 -50.13 29.18 -8.72
C LYS A 1289 -49.65 30.34 -9.59
N ALA A 1290 -48.92 31.30 -9.04
CA ALA A 1290 -48.45 32.43 -9.83
C ALA A 1290 -47.39 32.00 -10.84
N GLU A 1291 -46.44 31.17 -10.41
CA GLU A 1291 -45.42 30.66 -11.32
C GLU A 1291 -46.05 29.78 -12.40
N ALA A 1292 -47.04 28.97 -12.02
CA ALA A 1292 -47.75 28.17 -13.01
C ALA A 1292 -48.47 29.05 -14.03
N ALA A 1293 -49.09 30.14 -13.57
CA ALA A 1293 -49.75 31.07 -14.48
C ALA A 1293 -48.75 31.73 -15.41
N ALA A 1294 -47.58 32.11 -14.88
CA ALA A 1294 -46.55 32.71 -15.73
C ALA A 1294 -46.05 31.73 -16.77
N LEU A 1295 -45.84 30.47 -16.38
CA LEU A 1295 -45.39 29.46 -17.34
C LEU A 1295 -46.46 29.20 -18.40
N THR A 1296 -47.73 29.16 -18.00
CA THR A 1296 -48.81 28.98 -18.97
C THR A 1296 -48.87 30.15 -19.93
N GLU A 1297 -48.69 31.38 -19.44
CA GLU A 1297 -48.69 32.55 -20.31
C GLU A 1297 -47.52 32.51 -21.29
N THR A 1298 -46.34 32.10 -20.81
CA THR A 1298 -45.19 31.98 -21.70
C THR A 1298 -45.43 30.92 -22.78
N ALA A 1299 -46.02 29.79 -22.39
CA ALA A 1299 -46.33 28.75 -23.36
C ALA A 1299 -47.34 29.25 -24.39
N LYS A 1300 -48.36 29.99 -23.94
CA LYS A 1300 -49.33 30.55 -24.86
C LYS A 1300 -48.68 31.54 -25.82
N GLN A 1301 -47.78 32.38 -25.31
CA GLN A 1301 -47.08 33.33 -26.16
C GLN A 1301 -46.24 32.62 -27.21
N VAL A 1302 -45.53 31.56 -26.81
CA VAL A 1302 -44.72 30.81 -27.76
C VAL A 1302 -45.60 30.15 -28.81
N TYR A 1303 -46.72 29.55 -28.37
CA TYR A 1303 -47.64 28.89 -29.30
C TYR A 1303 -48.21 29.88 -30.30
N PHE A 1304 -48.59 31.08 -29.84
CA PHE A 1304 -49.17 32.07 -30.74
C PHE A 1304 -48.11 32.63 -31.70
N LYS A 1305 -46.91 32.89 -31.21
CA LYS A 1305 -45.87 33.47 -32.05
C LYS A 1305 -45.39 32.48 -33.10
N ARG A 1306 -45.31 31.19 -32.75
CA ARG A 1306 -44.77 30.22 -33.68
C ARG A 1306 -45.80 29.77 -34.71
N ASN A 1307 -46.92 29.21 -34.25
CA ASN A 1307 -47.89 28.61 -35.16
C ASN A 1307 -48.73 29.63 -35.91
N TYR A 1308 -48.93 30.82 -35.34
CA TYR A 1308 -49.83 31.82 -35.92
C TYR A 1308 -49.09 33.14 -36.08
N PRO A 1309 -48.35 33.33 -37.17
CA PRO A 1309 -47.60 34.57 -37.42
C PRO A 1309 -48.51 35.71 -37.88
C1 CLR B . 33.40 -33.23 -9.61
C2 CLR B . 34.64 -34.10 -9.44
C3 CLR B . 34.40 -35.50 -9.98
C4 CLR B . 33.98 -35.42 -11.44
C5 CLR B . 32.77 -34.55 -11.63
C6 CLR B . 31.73 -34.98 -12.34
C7 CLR B . 30.48 -34.20 -12.59
C8 CLR B . 30.65 -32.71 -12.30
C9 CLR B . 31.44 -32.50 -11.00
C10 CLR B . 32.85 -33.14 -11.05
C11 CLR B . 31.46 -31.02 -10.60
C12 CLR B . 30.08 -30.36 -10.59
C13 CLR B . 29.35 -30.52 -11.93
C14 CLR B . 29.30 -32.04 -12.17
C15 CLR B . 28.29 -32.21 -13.30
C16 CLR B . 27.26 -31.10 -13.04
C17 CLR B . 27.84 -30.16 -11.95
C18 CLR B . 30.09 -29.76 -13.05
C19 CLR B . 33.80 -32.32 -11.92
C20 CLR B . 27.42 -28.70 -12.15
C21 CLR B . 27.34 -27.91 -10.84
C22 CLR B . 26.08 -28.62 -12.90
C23 CLR B . 25.18 -27.44 -12.54
C24 CLR B . 24.04 -27.28 -13.55
C25 CLR B . 22.68 -27.01 -12.94
C26 CLR B . 22.78 -25.88 -11.92
C27 CLR B . 21.61 -26.69 -13.99
O1 CLR B . 35.58 -36.25 -9.81
CAA Y01 C . 23.05 -29.82 -18.70
CBA Y01 C . 24.06 -30.02 -17.58
CAB Y01 C . 23.37 -30.07 -16.22
CAN Y01 C . 25.15 -28.96 -17.57
CAJ Y01 C . 26.15 -29.01 -18.72
CAO Y01 C . 26.91 -30.34 -18.80
CBB Y01 C . 27.86 -30.65 -17.64
CAC Y01 C . 27.21 -31.69 -16.73
CBE Y01 C . 29.24 -31.10 -18.17
CAP Y01 C . 29.69 -30.29 -19.42
CAQ Y01 C . 31.23 -30.42 -19.49
CBG Y01 C . 31.55 -31.38 -18.35
CBI Y01 C . 30.50 -31.01 -17.28
CAE Y01 C . 30.69 -29.59 -16.75
CAU Y01 C . 30.62 -32.04 -16.15
CAS Y01 C . 32.04 -32.13 -15.61
CBF Y01 C . 33.05 -32.50 -16.70
CBD Y01 C . 32.99 -31.51 -17.87
CAK Y01 C . 33.88 -32.02 -19.01
CAI Y01 C . 35.14 -32.68 -18.55
CAZ Y01 C . 35.41 -33.04 -17.30
CAV Y01 C . 36.79 -33.54 -16.91
CBH Y01 C . 34.48 -32.68 -16.16
CAD Y01 C . 35.01 -31.42 -15.47
CAT Y01 C . 34.49 -33.86 -15.16
CAR Y01 C . 35.88 -34.22 -14.66
CBC Y01 C . 36.78 -34.60 -15.82
OAW Y01 C . 38.11 -34.75 -15.28
CAY Y01 C . 38.44 -35.84 -14.57
OAG Y01 C . 38.12 -36.01 -13.42
CAM Y01 C . 39.27 -36.79 -15.38
CAL Y01 C . 40.54 -36.16 -15.93
CAX Y01 C . 40.50 -35.82 -17.42
OAH Y01 C . 39.46 -35.28 -17.83
OAF Y01 C . 41.50 -36.11 -18.12
CAA Y01 D . 36.98 -3.27 16.52
CBA Y01 D . 35.64 -2.66 16.97
CAB Y01 D . 35.66 -2.40 18.48
CAN Y01 D . 35.32 -1.37 16.21
CAJ Y01 D . 33.94 -0.79 16.48
CAO Y01 D . 33.47 0.09 15.32
CBB Y01 D . 33.27 1.58 15.67
CAC Y01 D . 34.63 2.26 15.79
CBE Y01 D . 32.33 2.27 14.67
CAP Y01 D . 31.95 1.38 13.46
CAQ Y01 D . 30.55 1.83 13.00
CBG Y01 D . 30.28 3.09 13.82
CBI Y01 D . 30.96 2.80 15.17
CAE Y01 D . 30.23 1.72 15.97
CAU Y01 D . 30.98 4.13 15.94
CAS Y01 D . 29.59 4.74 16.06
CBF Y01 D . 28.85 4.92 14.73
CBD Y01 D . 28.86 3.62 13.92
CAK Y01 D . 28.30 3.87 12.52
CAI Y01 D . 27.08 4.73 12.53
CAZ Y01 D . 26.68 5.45 13.57
CAV Y01 D . 25.53 6.41 13.41
CBH Y01 D . 27.43 5.51 14.89
CAD Y01 D . 26.61 4.76 15.96
CAT Y01 D . 27.56 7.00 15.29
CAR Y01 D . 27.36 8.01 14.16
CBC Y01 D . 26.00 7.87 13.49
OAW Y01 D . 25.05 8.66 14.22
CAY Y01 D . 25.19 9.98 14.26
OAG Y01 D . 25.37 10.60 15.28
CAM Y01 D . 25.08 10.59 12.88
CAL Y01 D . 23.67 10.84 12.42
CAX Y01 D . 23.14 9.82 11.39
OAH Y01 D . 22.47 10.29 10.45
OAF Y01 D . 23.40 8.61 11.57
CAA Y01 E . 29.71 -14.96 -24.18
CBA Y01 E . 28.70 -14.36 -23.21
CAB Y01 E . 28.85 -12.85 -23.16
CAN Y01 E . 27.26 -14.74 -23.56
CAJ Y01 E . 26.75 -14.16 -24.87
CAO Y01 E . 25.27 -13.77 -24.78
CBB Y01 E . 24.87 -12.52 -25.57
CAC Y01 E . 25.00 -12.79 -27.07
CBE Y01 E . 23.49 -12.00 -25.16
CAP Y01 E . 23.02 -12.58 -23.79
CAQ Y01 E . 22.40 -11.44 -22.98
CBG Y01 E . 22.08 -10.41 -24.05
CBI Y01 E . 23.27 -10.47 -25.01
CAE Y01 E . 24.54 -9.82 -24.41
CAU Y01 E . 22.82 -9.72 -26.27
CAS Y01 E . 22.35 -8.30 -25.97
CBF Y01 E . 21.30 -8.19 -24.86
CBD Y01 E . 21.70 -9.00 -23.63
CAK Y01 E . 20.55 -9.05 -22.63
CAI Y01 E . 19.96 -7.69 -22.42
CAZ Y01 E . 20.27 -6.62 -23.15
CAV Y01 E . 19.66 -5.29 -22.79
CBH Y01 E . 20.92 -6.72 -24.51
CAD Y01 E . 22.16 -5.80 -24.53
CAT Y01 E . 19.89 -6.21 -25.55
CAR Y01 E . 19.30 -4.84 -25.23
CBC Y01 E . 18.66 -4.85 -23.86
OAW Y01 E . 18.12 -3.54 -23.56
CAY Y01 E . 18.82 -2.42 -23.76
OAG Y01 E . 20.01 -2.30 -23.58
CAM Y01 E . 17.92 -1.31 -24.25
CAL Y01 E . 17.33 -1.55 -25.63
CAX Y01 E . 16.33 -0.47 -26.08
OAH Y01 E . 15.88 -0.61 -27.23
OAF Y01 E . 16.06 0.45 -25.29
C1 CLR F . 42.93 -30.71 -20.68
C2 CLR F . 43.83 -31.87 -21.08
C3 CLR F . 43.79 -32.96 -20.03
C4 CLR F . 42.34 -33.43 -19.85
C5 CLR F . 41.41 -32.30 -19.53
C6 CLR F . 40.49 -32.41 -18.58
C7 CLR F . 39.39 -31.44 -18.32
C8 CLR F . 39.29 -30.36 -19.39
C9 CLR F . 40.71 -29.91 -19.80
C10 CLR F . 41.46 -31.10 -20.46
C11 CLR F . 40.70 -28.63 -20.65
C12 CLR F . 39.79 -27.52 -20.11
C13 CLR F . 38.36 -28.03 -19.92
C14 CLR F . 38.47 -29.18 -18.91
C15 CLR F . 37.03 -29.43 -18.45
C16 CLR F . 36.44 -28.02 -18.39
C17 CLR F . 37.36 -27.07 -19.21
C18 CLR F . 37.74 -28.48 -21.25
C19 CLR F . 40.81 -31.50 -21.80
C20 CLR F . 36.59 -26.06 -20.07
C21 CLR F . 37.21 -24.66 -20.05
C22 CLR F . 35.11 -25.98 -19.65
C23 CLR F . 34.16 -25.53 -20.76
C24 CLR F . 32.73 -25.35 -20.27
C25 CLR F . 32.41 -24.01 -19.60
C26 CLR F . 33.22 -22.88 -20.23
C27 CLR F . 30.92 -23.67 -19.65
O1 CLR F . 44.63 -34.01 -20.45
CAA Y01 G . 34.24 -23.11 20.19
CBA Y01 G . 33.84 -24.28 19.30
CAB Y01 G . 32.48 -24.01 18.65
CAN Y01 G . 33.80 -25.61 20.05
CAJ Y01 G . 34.63 -26.74 19.44
CAO Y01 G . 35.88 -27.04 20.26
CBB Y01 G . 37.10 -26.15 19.97
CAC Y01 G . 37.34 -25.18 21.14
CBE Y01 G . 38.35 -26.94 19.52
CAP Y01 G . 39.62 -26.04 19.60
CAQ Y01 G . 40.83 -26.98 19.68
CBG Y01 G . 40.22 -28.36 19.45
CBI Y01 G . 38.85 -28.28 20.14
CAE Y01 G . 39.01 -28.21 21.67
CAU Y01 G . 38.11 -29.57 19.75
CAS Y01 G . 38.90 -30.83 20.06
CBF Y01 G . 40.28 -30.85 19.40
CBD Y01 G . 41.06 -29.59 19.76
CAK Y01 G . 42.37 -29.53 18.99
CAI Y01 G . 43.06 -30.85 18.87
CAZ Y01 G . 42.49 -32.03 19.14
CAV Y01 G . 43.31 -33.30 19.06
CBH Y01 G . 41.07 -32.16 19.65
CAD Y01 G . 41.12 -32.51 21.14
CAT Y01 G . 40.39 -33.30 18.87
CAR Y01 G . 41.17 -34.61 18.89
CBC Y01 G . 42.57 -34.41 18.34
OAW Y01 G . 43.27 -35.66 18.45
CAY Y01 G . 43.24 -36.40 19.56
OAG Y01 G . 43.41 -35.96 20.67
CAM Y01 G . 42.99 -37.85 19.24
CAL Y01 G . 41.52 -38.24 19.31
CAX Y01 G . 41.27 -39.76 19.40
OAH Y01 G . 40.08 -40.12 19.33
OAF Y01 G . 42.26 -40.50 19.53
C1 CLR H . 37.16 -14.56 15.74
C2 CLR H . 36.21 -13.38 15.80
C3 CLR H . 35.25 -13.51 16.97
C4 CLR H . 36.03 -13.69 18.27
C5 CLR H . 37.01 -14.84 18.18
C6 CLR H . 37.06 -15.76 19.15
C7 CLR H . 37.96 -16.96 19.12
C8 CLR H . 39.17 -16.76 18.22
C9 CLR H . 38.74 -16.14 16.87
C10 CLR H . 37.98 -14.80 17.02
C11 CLR H . 39.95 -16.04 15.93
C12 CLR H . 40.77 -17.32 15.80
C13 CLR H . 41.20 -17.90 17.16
C14 CLR H . 39.90 -18.06 17.96
C15 CLR H . 40.28 -18.94 19.13
C16 CLR H . 41.28 -19.93 18.53
C17 CLR H . 41.74 -19.35 17.15
C18 CLR H . 42.16 -16.95 17.89
C19 CLR H . 38.93 -13.62 17.24
C20 CLR H . 43.22 -19.68 16.88
C21 CLR H . 43.82 -19.03 15.63
C22 CLR H . 43.40 -21.20 16.79
C23 CLR H . 44.80 -21.70 16.50
C24 CLR H . 44.92 -22.35 15.13
C25 CLR H . 46.34 -22.74 14.71
C26 CLR H . 46.74 -24.07 15.35
C27 CLR H . 47.37 -21.66 15.06
O1 CLR H . 34.43 -12.36 17.01
#